data_4FXC
# 
_entry.id   4FXC 
# 
_audit_conform.dict_name       mmcif_pdbx.dic 
_audit_conform.dict_version    5.387 
_audit_conform.dict_location   http://mmcif.pdb.org/dictionaries/ascii/mmcif_pdbx.dic 
# 
loop_
_database_2.database_id 
_database_2.database_code 
_database_2.pdbx_database_accession 
_database_2.pdbx_DOI 
PDB   4FXC         pdb_00004fxc 10.2210/pdb4fxc/pdb 
WWPDB D_1000179321 ?            ?                   
# 
loop_
_pdbx_audit_revision_history.ordinal 
_pdbx_audit_revision_history.data_content_type 
_pdbx_audit_revision_history.major_revision 
_pdbx_audit_revision_history.minor_revision 
_pdbx_audit_revision_history.revision_date 
1 'Structure model' 1 0 1995-12-07 
2 'Structure model' 1 1 2008-03-25 
3 'Structure model' 1 2 2011-07-13 
4 'Structure model' 1 3 2024-02-28 
# 
_pdbx_audit_revision_details.ordinal             1 
_pdbx_audit_revision_details.revision_ordinal    1 
_pdbx_audit_revision_details.data_content_type   'Structure model' 
_pdbx_audit_revision_details.provider            repository 
_pdbx_audit_revision_details.type                'Initial release' 
_pdbx_audit_revision_details.description         ? 
_pdbx_audit_revision_details.details             ? 
# 
loop_
_pdbx_audit_revision_group.ordinal 
_pdbx_audit_revision_group.revision_ordinal 
_pdbx_audit_revision_group.data_content_type 
_pdbx_audit_revision_group.group 
1 2 'Structure model' 'Version format compliance' 
2 3 'Structure model' 'Version format compliance' 
3 4 'Structure model' 'Data collection'           
4 4 'Structure model' 'Database references'       
5 4 'Structure model' 'Derived calculations'      
6 4 'Structure model' Other                       
# 
loop_
_pdbx_audit_revision_category.ordinal 
_pdbx_audit_revision_category.revision_ordinal 
_pdbx_audit_revision_category.data_content_type 
_pdbx_audit_revision_category.category 
1 4 'Structure model' chem_comp_atom       
2 4 'Structure model' chem_comp_bond       
3 4 'Structure model' database_2           
4 4 'Structure model' pdbx_database_status 
5 4 'Structure model' struct_site          
# 
loop_
_pdbx_audit_revision_item.ordinal 
_pdbx_audit_revision_item.revision_ordinal 
_pdbx_audit_revision_item.data_content_type 
_pdbx_audit_revision_item.item 
1 4 'Structure model' '_database_2.pdbx_DOI'                
2 4 'Structure model' '_database_2.pdbx_database_accession' 
3 4 'Structure model' '_pdbx_database_status.process_site'  
4 4 'Structure model' '_struct_site.pdbx_auth_asym_id'      
5 4 'Structure model' '_struct_site.pdbx_auth_comp_id'      
6 4 'Structure model' '_struct_site.pdbx_auth_seq_id'       
# 
_pdbx_database_PDB_obs_spr.id               SPRSDE 
_pdbx_database_PDB_obs_spr.date             1995-12-07 
_pdbx_database_PDB_obs_spr.pdb_id           4FXC 
_pdbx_database_PDB_obs_spr.replace_pdb_id   3FXC 
_pdbx_database_PDB_obs_spr.details          ? 
# 
_pdbx_database_status.status_code                     REL 
_pdbx_database_status.entry_id                        4FXC 
_pdbx_database_status.recvd_initial_deposition_date   1995-04-25 
_pdbx_database_status.deposit_site                    ? 
_pdbx_database_status.process_site                    BNL 
_pdbx_database_status.SG_entry                        . 
_pdbx_database_status.pdb_format_compatible           Y 
_pdbx_database_status.status_code_mr                  ? 
_pdbx_database_status.status_code_sf                  ? 
_pdbx_database_status.status_code_cs                  ? 
_pdbx_database_status.status_code_nmr_data            ? 
_pdbx_database_status.methods_development_category    ? 
# 
loop_
_audit_author.name 
_audit_author.pdbx_ordinal 
'Fukuyama, K.'  1 
'Tsukihara, T.' 2 
# 
loop_
_citation.id 
_citation.title 
_citation.journal_abbrev 
_citation.journal_volume 
_citation.page_first 
_citation.page_last 
_citation.year 
_citation.journal_id_ASTM 
_citation.country 
_citation.journal_id_ISSN 
_citation.journal_id_CSD 
_citation.book_publisher 
_citation.pdbx_database_id_PubMed 
_citation.pdbx_database_id_DOI 
primary 
;Tertiary structure of [2Fe-2S] ferredoxin from Spirulina platensis refined at 2.5 A resolution: structural comparisons of plant-type ferredoxins and an electrostatic potential analysis.
;
'J.Biochem.(Tokyo)'                                      117 1017 1023 1995 JOBIAO JA 0021-924X     0418 ? 8586613 ? 
1       
;X-Ray Analysis of a (2Fe-2S) Ferredoxin from Spirulina Platensis. Main Chain Fold and Location of Side Chains at 2.5 Angstroms Resolution
;
'J.Biochem.(Tokyo)'                                      90  1763 ?    1981 JOBIAO JA 0021-924X     0418 ? ?       ? 
2       'Structure of S. Platensis (2Fe-2S) Ferredoxin and Evolution of Chloroplast-Type Ferredoxins' Nature 286 522  ?    1980 
NATUAS UK 0028-0836     0006 ?                                                            ?       ? 
3       'X-Ray Analysis of Ferredoxin from Spirulina Platensis. II. Chelate Structure of Active Center' 'J.Biochem.(Tokyo)' 84  
1645 ?    1978 JOBIAO JA 0021-924X     0418 ?                                                            ?       ? 
5       'Location of the Iron-Sulfur Cluster in Spirulina Platensis Ferredoxin by X-Ray Analysis' 'J.Biochem.(Tokyo)' 81  529  ? 
1977 JOBIAO JA 0021-924X     0418 ?                                                            ?       ? 
4       ? 'Atlas of Protein Sequence and Structure (Data Section)' 5   54   ?    1978 ?      ?  0-912466-02-2 0435 
'National Biomedical Research Foundation, Silver Spring,Md.' ?       ? 
# 
loop_
_citation_author.citation_id 
_citation_author.name 
_citation_author.ordinal 
_citation_author.identifier_ORCID 
primary 'Fukuyama, K.'  1  ? 
primary 'Ueki, N.'      2  ? 
primary 'Nakamura, H.'  3  ? 
primary 'Tsukihara, T.' 4  ? 
primary 'Matsubara, H.' 5  ? 
1       'Tsukihara, T.' 6  ? 
1       'Fukuyama, K.'  7  ? 
1       'Nakamura, M.'  8  ? 
1       'Katsube, Y.'   9  ? 
1       'Tanaka, N.'    10 ? 
1       'Kakudo, M.'    11 ? 
1       'Wada, K.'      12 ? 
1       'Hase, T.'      13 ? 
1       'Matsubara, H.' 14 ? 
2       'Fukuyama, K.'  15 ? 
2       'Hase, T.'      16 ? 
2       'Matsumoto, S.' 17 ? 
2       'Tsukihara, T.' 18 ? 
2       'Katsube, Y.'   19 ? 
2       'Tanaka, N.'    20 ? 
2       'Kakudo, M.'    21 ? 
2       'Wada, K.'      22 ? 
2       'Matsubara, H.' 23 ? 
3       'Tsukihara, T.' 24 ? 
3       'Fukuyama, K.'  25 ? 
3       'Tahara, H.'    26 ? 
3       'Katsube, Y.'   27 ? 
3       'Matsuura, Y.'  28 ? 
3       'Tanaka, N.'    29 ? 
3       'Kakudo, M.'    30 ? 
3       'Wada, K.'      31 ? 
3       'Matsubara, H.' 32 ? 
5       'Ogawa, K.'     33 ? 
5       'Tsukihara, T.' 34 ? 
5       'Tahara, H.'    35 ? 
5       'Katsube, Y.'   36 ? 
5       'Matsu-Ura, Y.' 37 ? 
5       'Tanaka, N.'    38 ? 
5       'Kakudo, M.'    39 ? 
5       'Wada, K.'      40 ? 
5       'Matsubara, H.' 41 ? 
# 
_citation_editor.citation_id   4 
_citation_editor.name          'Dayhoff, M.O.' 
_citation_editor.ordinal       1 
# 
loop_
_entity.id 
_entity.type 
_entity.src_method 
_entity.pdbx_description 
_entity.formula_weight 
_entity.pdbx_number_of_molecules 
_entity.pdbx_ec 
_entity.pdbx_mutation 
_entity.pdbx_fragment 
_entity.details 
1 polymer     nat FERREDOXIN                   10506.314 1  ? ? ? ? 
2 non-polymer syn 'FE2/S2 (INORGANIC) CLUSTER' 175.820   1  ? ? ? ? 
3 water       nat water                        18.015    42 ? ? ? ? 
# 
_entity_poly.entity_id                      1 
_entity_poly.type                           'polypeptide(L)' 
_entity_poly.nstd_linkage                   no 
_entity_poly.nstd_monomer                   no 
_entity_poly.pdbx_seq_one_letter_code       
;ATYKVTLINEAEGINETIDCDDDTYILDAAEEAGLDLPYSCRAGACSTCAGTITSGTIDQSDQSFLDDDQIEAGYVLTCV
AYPTSDCTIKTHQEEGLY
;
_entity_poly.pdbx_seq_one_letter_code_can   
;ATYKVTLINEAEGINETIDCDDDTYILDAAEEAGLDLPYSCRAGACSTCAGTITSGTIDQSDQSFLDDDQIEAGYVLTCV
AYPTSDCTIKTHQEEGLY
;
_entity_poly.pdbx_strand_id                 A 
_entity_poly.pdbx_target_identifier         ? 
# 
loop_
_pdbx_entity_nonpoly.entity_id 
_pdbx_entity_nonpoly.name 
_pdbx_entity_nonpoly.comp_id 
2 'FE2/S2 (INORGANIC) CLUSTER' FES 
3 water                        HOH 
# 
loop_
_entity_poly_seq.entity_id 
_entity_poly_seq.num 
_entity_poly_seq.mon_id 
_entity_poly_seq.hetero 
1 1  ALA n 
1 2  THR n 
1 3  TYR n 
1 4  LYS n 
1 5  VAL n 
1 6  THR n 
1 7  LEU n 
1 8  ILE n 
1 9  ASN n 
1 10 GLU n 
1 11 ALA n 
1 12 GLU n 
1 13 GLY n 
1 14 ILE n 
1 15 ASN n 
1 16 GLU n 
1 17 THR n 
1 18 ILE n 
1 19 ASP n 
1 20 CYS n 
1 21 ASP n 
1 22 ASP n 
1 23 ASP n 
1 24 THR n 
1 25 TYR n 
1 26 ILE n 
1 27 LEU n 
1 28 ASP n 
1 29 ALA n 
1 30 ALA n 
1 31 GLU n 
1 32 GLU n 
1 33 ALA n 
1 34 GLY n 
1 35 LEU n 
1 36 ASP n 
1 37 LEU n 
1 38 PRO n 
1 39 TYR n 
1 40 SER n 
1 41 CYS n 
1 42 ARG n 
1 43 ALA n 
1 44 GLY n 
1 45 ALA n 
1 46 CYS n 
1 47 SER n 
1 48 THR n 
1 49 CYS n 
1 50 ALA n 
1 51 GLY n 
1 52 THR n 
1 53 ILE n 
1 54 THR n 
1 55 SER n 
1 56 GLY n 
1 57 THR n 
1 58 ILE n 
1 59 ASP n 
1 60 GLN n 
1 61 SER n 
1 62 ASP n 
1 63 GLN n 
1 64 SER n 
1 65 PHE n 
1 66 LEU n 
1 67 ASP n 
1 68 ASP n 
1 69 ASP n 
1 70 GLN n 
1 71 ILE n 
1 72 GLU n 
1 73 ALA n 
1 74 GLY n 
1 75 TYR n 
1 76 VAL n 
1 77 LEU n 
1 78 THR n 
1 79 CYS n 
1 80 VAL n 
1 81 ALA n 
1 82 TYR n 
1 83 PRO n 
1 84 THR n 
1 85 SER n 
1 86 ASP n 
1 87 CYS n 
1 88 THR n 
1 89 ILE n 
1 90 LYS n 
1 91 THR n 
1 92 HIS n 
1 93 GLN n 
1 94 GLU n 
1 95 GLU n 
1 96 GLY n 
1 97 LEU n 
1 98 TYR n 
# 
_entity_src_nat.entity_id                  1 
_entity_src_nat.pdbx_src_id                1 
_entity_src_nat.pdbx_alt_source_flag       sample 
_entity_src_nat.pdbx_beg_seq_num           ? 
_entity_src_nat.pdbx_end_seq_num           ? 
_entity_src_nat.common_name                ? 
_entity_src_nat.pdbx_organism_scientific   'Arthrospira platensis' 
_entity_src_nat.pdbx_ncbi_taxonomy_id      118562 
_entity_src_nat.genus                      Arthrospira 
_entity_src_nat.species                    ? 
_entity_src_nat.strain                     ? 
_entity_src_nat.tissue                     ? 
_entity_src_nat.tissue_fraction            ? 
_entity_src_nat.pdbx_secretion             ? 
_entity_src_nat.pdbx_fragment              ? 
_entity_src_nat.pdbx_variant               ? 
_entity_src_nat.pdbx_cell_line             ? 
_entity_src_nat.pdbx_atcc                  ? 
_entity_src_nat.pdbx_cellular_location     ? 
_entity_src_nat.pdbx_organ                 ? 
_entity_src_nat.pdbx_organelle             ? 
_entity_src_nat.pdbx_cell                  ? 
_entity_src_nat.pdbx_plasmid_name          ? 
_entity_src_nat.pdbx_plasmid_details       ? 
_entity_src_nat.details                    ? 
# 
loop_
_chem_comp.id 
_chem_comp.type 
_chem_comp.mon_nstd_flag 
_chem_comp.name 
_chem_comp.pdbx_synonyms 
_chem_comp.formula 
_chem_comp.formula_weight 
ALA 'L-peptide linking' y ALANINE                      ? 'C3 H7 N O2'     89.093  
ARG 'L-peptide linking' y ARGININE                     ? 'C6 H15 N4 O2 1' 175.209 
ASN 'L-peptide linking' y ASPARAGINE                   ? 'C4 H8 N2 O3'    132.118 
ASP 'L-peptide linking' y 'ASPARTIC ACID'              ? 'C4 H7 N O4'     133.103 
CYS 'L-peptide linking' y CYSTEINE                     ? 'C3 H7 N O2 S'   121.158 
FES non-polymer         . 'FE2/S2 (INORGANIC) CLUSTER' ? 'Fe2 S2'         175.820 
GLN 'L-peptide linking' y GLUTAMINE                    ? 'C5 H10 N2 O3'   146.144 
GLU 'L-peptide linking' y 'GLUTAMIC ACID'              ? 'C5 H9 N O4'     147.129 
GLY 'peptide linking'   y GLYCINE                      ? 'C2 H5 N O2'     75.067  
HIS 'L-peptide linking' y HISTIDINE                    ? 'C6 H10 N3 O2 1' 156.162 
HOH non-polymer         . WATER                        ? 'H2 O'           18.015  
ILE 'L-peptide linking' y ISOLEUCINE                   ? 'C6 H13 N O2'    131.173 
LEU 'L-peptide linking' y LEUCINE                      ? 'C6 H13 N O2'    131.173 
LYS 'L-peptide linking' y LYSINE                       ? 'C6 H15 N2 O2 1' 147.195 
PHE 'L-peptide linking' y PHENYLALANINE                ? 'C9 H11 N O2'    165.189 
PRO 'L-peptide linking' y PROLINE                      ? 'C5 H9 N O2'     115.130 
SER 'L-peptide linking' y SERINE                       ? 'C3 H7 N O3'     105.093 
THR 'L-peptide linking' y THREONINE                    ? 'C4 H9 N O3'     119.119 
TYR 'L-peptide linking' y TYROSINE                     ? 'C9 H11 N O3'    181.189 
VAL 'L-peptide linking' y VALINE                       ? 'C5 H11 N O2'    117.146 
# 
loop_
_pdbx_poly_seq_scheme.asym_id 
_pdbx_poly_seq_scheme.entity_id 
_pdbx_poly_seq_scheme.seq_id 
_pdbx_poly_seq_scheme.mon_id 
_pdbx_poly_seq_scheme.ndb_seq_num 
_pdbx_poly_seq_scheme.pdb_seq_num 
_pdbx_poly_seq_scheme.auth_seq_num 
_pdbx_poly_seq_scheme.pdb_mon_id 
_pdbx_poly_seq_scheme.auth_mon_id 
_pdbx_poly_seq_scheme.pdb_strand_id 
_pdbx_poly_seq_scheme.pdb_ins_code 
_pdbx_poly_seq_scheme.hetero 
A 1 1  ALA 1  1  1  ALA ALA A . n 
A 1 2  THR 2  2  2  THR THR A . n 
A 1 3  TYR 3  3  3  TYR TYR A . n 
A 1 4  LYS 4  4  4  LYS LYS A . n 
A 1 5  VAL 5  5  5  VAL VAL A . n 
A 1 6  THR 6  6  6  THR THR A . n 
A 1 7  LEU 7  7  7  LEU LEU A . n 
A 1 8  ILE 8  8  8  ILE ILE A . n 
A 1 9  ASN 9  9  9  ASN ASN A . n 
A 1 10 GLU 10 10 10 GLU GLU A . n 
A 1 11 ALA 11 11 11 ALA ALA A . n 
A 1 12 GLU 12 12 12 GLU GLU A . n 
A 1 13 GLY 13 13 13 GLY GLY A . n 
A 1 14 ILE 14 14 14 ILE ILE A . n 
A 1 15 ASN 15 15 15 ASN ASN A . n 
A 1 16 GLU 16 16 16 GLU GLU A . n 
A 1 17 THR 17 17 17 THR THR A . n 
A 1 18 ILE 18 18 18 ILE ILE A . n 
A 1 19 ASP 19 19 19 ASP ASP A . n 
A 1 20 CYS 20 20 20 CYS CYS A . n 
A 1 21 ASP 21 21 21 ASP ASP A . n 
A 1 22 ASP 22 22 22 ASP ASP A . n 
A 1 23 ASP 23 23 23 ASP ASP A . n 
A 1 24 THR 24 24 24 THR THR A . n 
A 1 25 TYR 25 25 25 TYR TYR A . n 
A 1 26 ILE 26 26 26 ILE ILE A . n 
A 1 27 LEU 27 27 27 LEU LEU A . n 
A 1 28 ASP 28 28 28 ASP ASP A . n 
A 1 29 ALA 29 29 29 ALA ALA A . n 
A 1 30 ALA 30 30 30 ALA ALA A . n 
A 1 31 GLU 31 31 31 GLU GLU A . n 
A 1 32 GLU 32 32 32 GLU GLU A . n 
A 1 33 ALA 33 33 33 ALA ALA A . n 
A 1 34 GLY 34 34 34 GLY GLY A . n 
A 1 35 LEU 35 35 35 LEU LEU A . n 
A 1 36 ASP 36 36 36 ASP ASP A . n 
A 1 37 LEU 37 37 37 LEU LEU A . n 
A 1 38 PRO 38 38 38 PRO PRO A . n 
A 1 39 TYR 39 39 39 TYR TYR A . n 
A 1 40 SER 40 40 40 SER SER A . n 
A 1 41 CYS 41 41 41 CYS CYS A . n 
A 1 42 ARG 42 42 42 ARG ARG A . n 
A 1 43 ALA 43 43 43 ALA ALA A . n 
A 1 44 GLY 44 44 44 GLY GLY A . n 
A 1 45 ALA 45 45 45 ALA ALA A . n 
A 1 46 CYS 46 46 46 CYS CYS A . n 
A 1 47 SER 47 47 47 SER SER A . n 
A 1 48 THR 48 48 48 THR THR A . n 
A 1 49 CYS 49 49 49 CYS CYS A . n 
A 1 50 ALA 50 50 50 ALA ALA A . n 
A 1 51 GLY 51 51 51 GLY GLY A . n 
A 1 52 THR 52 52 52 THR THR A . n 
A 1 53 ILE 53 53 53 ILE ILE A . n 
A 1 54 THR 54 54 54 THR THR A . n 
A 1 55 SER 55 55 55 SER SER A . n 
A 1 56 GLY 56 56 56 GLY GLY A . n 
A 1 57 THR 57 57 57 THR THR A . n 
A 1 58 ILE 58 58 58 ILE ILE A . n 
A 1 59 ASP 59 59 59 ASP ASP A . n 
A 1 60 GLN 60 60 60 GLN GLN A . n 
A 1 61 SER 61 61 61 SER SER A . n 
A 1 62 ASP 62 62 62 ASP ASP A . n 
A 1 63 GLN 63 63 63 GLN GLN A . n 
A 1 64 SER 64 64 64 SER SER A . n 
A 1 65 PHE 65 65 65 PHE PHE A . n 
A 1 66 LEU 66 66 66 LEU LEU A . n 
A 1 67 ASP 67 67 67 ASP ASP A . n 
A 1 68 ASP 68 68 68 ASP ASP A . n 
A 1 69 ASP 69 69 69 ASP ASP A . n 
A 1 70 GLN 70 70 70 GLN GLN A . n 
A 1 71 ILE 71 71 71 ILE ILE A . n 
A 1 72 GLU 72 72 72 GLU GLU A . n 
A 1 73 ALA 73 73 73 ALA ALA A . n 
A 1 74 GLY 74 74 74 GLY GLY A . n 
A 1 75 TYR 75 75 75 TYR TYR A . n 
A 1 76 VAL 76 76 76 VAL VAL A . n 
A 1 77 LEU 77 77 77 LEU LEU A . n 
A 1 78 THR 78 78 78 THR THR A . n 
A 1 79 CYS 79 79 79 CYS CYS A . n 
A 1 80 VAL 80 80 80 VAL VAL A . n 
A 1 81 ALA 81 81 81 ALA ALA A . n 
A 1 82 TYR 82 82 82 TYR TYR A . n 
A 1 83 PRO 83 83 83 PRO PRO A . n 
A 1 84 THR 84 84 84 THR THR A . n 
A 1 85 SER 85 85 85 SER SER A . n 
A 1 86 ASP 86 86 86 ASP ASP A . n 
A 1 87 CYS 87 87 87 CYS CYS A . n 
A 1 88 THR 88 88 88 THR THR A . n 
A 1 89 ILE 89 89 89 ILE ILE A . n 
A 1 90 LYS 90 90 90 LYS LYS A . n 
A 1 91 THR 91 91 91 THR THR A . n 
A 1 92 HIS 92 92 92 HIS HIS A . n 
A 1 93 GLN 93 93 93 GLN GLN A . n 
A 1 94 GLU 94 94 94 GLU GLU A . n 
A 1 95 GLU 95 95 95 GLU GLU A . n 
A 1 96 GLY 96 96 96 GLY GLY A . n 
A 1 97 LEU 97 97 97 LEU LEU A . n 
A 1 98 TYR 98 98 98 TYR TYR A . n 
# 
loop_
_pdbx_nonpoly_scheme.asym_id 
_pdbx_nonpoly_scheme.entity_id 
_pdbx_nonpoly_scheme.mon_id 
_pdbx_nonpoly_scheme.ndb_seq_num 
_pdbx_nonpoly_scheme.pdb_seq_num 
_pdbx_nonpoly_scheme.auth_seq_num 
_pdbx_nonpoly_scheme.pdb_mon_id 
_pdbx_nonpoly_scheme.auth_mon_id 
_pdbx_nonpoly_scheme.pdb_strand_id 
_pdbx_nonpoly_scheme.pdb_ins_code 
B 2 FES 1  99  99  FES FES A . 
C 3 HOH 1  100 100 HOH HOH A . 
C 3 HOH 2  101 101 HOH HOH A . 
C 3 HOH 3  102 102 HOH HOH A . 
C 3 HOH 4  103 103 HOH HOH A . 
C 3 HOH 5  104 104 HOH HOH A . 
C 3 HOH 6  105 105 HOH HOH A . 
C 3 HOH 7  106 106 HOH HOH A . 
C 3 HOH 8  107 107 HOH HOH A . 
C 3 HOH 9  108 108 HOH HOH A . 
C 3 HOH 10 109 109 HOH HOH A . 
C 3 HOH 11 110 110 HOH HOH A . 
C 3 HOH 12 111 111 HOH HOH A . 
C 3 HOH 13 112 112 HOH HOH A . 
C 3 HOH 14 114 114 HOH HOH A . 
C 3 HOH 15 115 115 HOH HOH A . 
C 3 HOH 16 116 116 HOH HOH A . 
C 3 HOH 17 117 117 HOH HOH A . 
C 3 HOH 18 118 118 HOH HOH A . 
C 3 HOH 19 119 119 HOH HOH A . 
C 3 HOH 20 120 120 HOH HOH A . 
C 3 HOH 21 121 121 HOH HOH A . 
C 3 HOH 22 123 123 HOH HOH A . 
C 3 HOH 23 124 124 HOH HOH A . 
C 3 HOH 24 125 125 HOH HOH A . 
C 3 HOH 25 126 126 HOH HOH A . 
C 3 HOH 26 127 127 HOH HOH A . 
C 3 HOH 27 128 128 HOH HOH A . 
C 3 HOH 28 129 129 HOH HOH A . 
C 3 HOH 29 130 130 HOH HOH A . 
C 3 HOH 30 131 131 HOH HOH A . 
C 3 HOH 31 133 133 HOH HOH A . 
C 3 HOH 32 135 135 HOH HOH A . 
C 3 HOH 33 136 136 HOH HOH A . 
C 3 HOH 34 138 138 HOH HOH A . 
C 3 HOH 35 139 139 HOH HOH A . 
C 3 HOH 36 142 142 HOH HOH A . 
C 3 HOH 37 143 143 HOH HOH A . 
C 3 HOH 38 144 144 HOH HOH A . 
C 3 HOH 39 146 146 HOH HOH A . 
C 3 HOH 40 147 147 HOH HOH A . 
C 3 HOH 41 148 148 HOH HOH A . 
C 3 HOH 42 149 149 HOH HOH A . 
# 
loop_
_software.name 
_software.classification 
_software.version 
_software.citation_id 
_software.pdbx_ordinal 
X-PLOR 'model building' . ? 1 
X-PLOR refinement       . ? 2 
X-PLOR phasing          . ? 3 
# 
_cell.entry_id           4FXC 
_cell.length_a           62.320 
_cell.length_b           28.510 
_cell.length_c           108.080 
_cell.angle_alpha        90.00 
_cell.angle_beta         90.00 
_cell.angle_gamma        90.00 
_cell.Z_PDB              8 
_cell.pdbx_unique_axis   ? 
# 
_symmetry.entry_id                         4FXC 
_symmetry.space_group_name_H-M             'C 2 2 21' 
_symmetry.pdbx_full_space_group_name_H-M   ? 
_symmetry.cell_setting                     ? 
_symmetry.Int_Tables_number                20 
# 
_exptl.entry_id          4FXC 
_exptl.method            'X-RAY DIFFRACTION' 
_exptl.crystals_number   ? 
# 
_exptl_crystal.id                    1 
_exptl_crystal.density_meas          ? 
_exptl_crystal.density_Matthews      2.28 
_exptl_crystal.density_percent_sol   46.15 
_exptl_crystal.description           ? 
# 
_refine.entry_id                                 4FXC 
_refine.ls_number_reflns_obs                     2912 
_refine.ls_number_reflns_all                     ? 
_refine.pdbx_ls_sigma_I                          ? 
_refine.pdbx_ls_sigma_F                          2. 
_refine.pdbx_data_cutoff_high_absF               ? 
_refine.pdbx_data_cutoff_low_absF                ? 
_refine.pdbx_data_cutoff_high_rms_absF           ? 
_refine.ls_d_res_low                             8.0 
_refine.ls_d_res_high                            2.5 
_refine.ls_percent_reflns_obs                    84.6 
_refine.ls_R_factor_obs                          0.1990000 
_refine.ls_R_factor_all                          ? 
_refine.ls_R_factor_R_work                       0.1990000 
_refine.ls_R_factor_R_free                       ? 
_refine.ls_R_factor_R_free_error                 ? 
_refine.ls_R_factor_R_free_error_details         ? 
_refine.ls_percent_reflns_R_free                 ? 
_refine.ls_number_reflns_R_free                  ? 
_refine.ls_number_parameters                     ? 
_refine.ls_number_restraints                     ? 
_refine.occupancy_min                            ? 
_refine.occupancy_max                            ? 
_refine.B_iso_mean                               ? 
_refine.aniso_B[1][1]                            ? 
_refine.aniso_B[2][2]                            ? 
_refine.aniso_B[3][3]                            ? 
_refine.aniso_B[1][2]                            ? 
_refine.aniso_B[1][3]                            ? 
_refine.aniso_B[2][3]                            ? 
_refine.solvent_model_details                    ? 
_refine.solvent_model_param_ksol                 ? 
_refine.solvent_model_param_bsol                 ? 
_refine.pdbx_ls_cross_valid_method               ? 
_refine.details                                  ? 
_refine.pdbx_starting_model                      ? 
_refine.pdbx_method_to_determine_struct          ? 
_refine.pdbx_isotropic_thermal_model             ? 
_refine.pdbx_stereochemistry_target_values       ? 
_refine.pdbx_stereochem_target_val_spec_case     ? 
_refine.pdbx_R_Free_selection_details            ? 
_refine.pdbx_overall_ESU_R                       ? 
_refine.pdbx_overall_ESU_R_Free                  ? 
_refine.overall_SU_ML                            ? 
_refine.overall_SU_B                             ? 
_refine.pdbx_refine_id                           'X-RAY DIFFRACTION' 
_refine.pdbx_diffrn_id                           1 
_refine.pdbx_TLS_residual_ADP_flag               ? 
_refine.correlation_coeff_Fo_to_Fc               ? 
_refine.correlation_coeff_Fo_to_Fc_free          ? 
_refine.pdbx_solvent_vdw_probe_radii             ? 
_refine.pdbx_solvent_ion_probe_radii             ? 
_refine.pdbx_solvent_shrinkage_radii             ? 
_refine.pdbx_overall_phase_error                 ? 
_refine.overall_SU_R_Cruickshank_DPI             ? 
_refine.pdbx_overall_SU_R_free_Cruickshank_DPI   ? 
_refine.pdbx_overall_SU_R_Blow_DPI               ? 
_refine.pdbx_overall_SU_R_free_Blow_DPI          ? 
# 
_refine_hist.pdbx_refine_id                   'X-RAY DIFFRACTION' 
_refine_hist.cycle_id                         LAST 
_refine_hist.pdbx_number_atoms_protein        732 
_refine_hist.pdbx_number_atoms_nucleic_acid   0 
_refine_hist.pdbx_number_atoms_ligand         4 
_refine_hist.number_atoms_solvent             42 
_refine_hist.number_atoms_total               778 
_refine_hist.d_res_high                       2.5 
_refine_hist.d_res_low                        8.0 
# 
loop_
_refine_ls_restr.type 
_refine_ls_restr.dev_ideal 
_refine_ls_restr.dev_ideal_target 
_refine_ls_restr.weight 
_refine_ls_restr.number 
_refine_ls_restr.pdbx_refine_id 
_refine_ls_restr.pdbx_restraint_function 
x_bond_d                0.022 ?   ? ? 'X-RAY DIFFRACTION' ? 
x_bond_d_na             ?     ?   ? ? 'X-RAY DIFFRACTION' ? 
x_bond_d_prot           ?     ?   ? ? 'X-RAY DIFFRACTION' ? 
x_angle_d               ?     ?   ? ? 'X-RAY DIFFRACTION' ? 
x_angle_d_na            ?     ?   ? ? 'X-RAY DIFFRACTION' ? 
x_angle_d_prot          ?     ?   ? ? 'X-RAY DIFFRACTION' ? 
x_angle_deg             ?     ?   ? ? 'X-RAY DIFFRACTION' ? 
x_angle_deg_na          ?     ?   ? ? 'X-RAY DIFFRACTION' ? 
x_angle_deg_prot        ?     ?   ? ? 'X-RAY DIFFRACTION' ? 
x_dihedral_angle_d      ?     ?   ? ? 'X-RAY DIFFRACTION' ? 
x_dihedral_angle_d_na   ?     ?   ? ? 'X-RAY DIFFRACTION' ? 
x_dihedral_angle_d_prot ?     ?   ? ? 'X-RAY DIFFRACTION' ? 
x_improper_angle_d      ?     ?   ? ? 'X-RAY DIFFRACTION' ? 
x_improper_angle_d_na   ?     ?   ? ? 'X-RAY DIFFRACTION' ? 
x_improper_angle_d_prot ?     ?   ? ? 'X-RAY DIFFRACTION' ? 
x_mcbond_it             2.6   2.6 ? ? 'X-RAY DIFFRACTION' ? 
x_mcangle_it            3.9   3.9 ? ? 'X-RAY DIFFRACTION' ? 
x_scbond_it             3.4   3.4 ? ? 'X-RAY DIFFRACTION' ? 
x_scangle_it            4.8   4.8 ? ? 'X-RAY DIFFRACTION' ? 
# 
_struct.entry_id                  4FXC 
_struct.title                     
;TERTIARY STRUCTURE OF [2FE-2S] FERREDOXIN FROM SPIRULINA PLATENSIS REFINED AT 2.5 ANGSTROMS RESOLUTION: STRUCTURAL COMPARISONS OF PLANT-TYPE FERREDOXINS AND AN ELECTROSTATIC POTENTIAL ANALYSIS
;
_struct.pdbx_model_details        ? 
_struct.pdbx_CASP_flag            ? 
_struct.pdbx_model_type_details   ? 
# 
_struct_keywords.entry_id        4FXC 
_struct_keywords.pdbx_keywords   'ELECTRON TRANSPORT' 
_struct_keywords.text            'ELECTRON TRANSPORT' 
# 
loop_
_struct_asym.id 
_struct_asym.pdbx_blank_PDB_chainid_flag 
_struct_asym.pdbx_modified 
_struct_asym.entity_id 
_struct_asym.details 
A N N 1 ? 
B N N 2 ? 
C N N 3 ? 
# 
_struct_ref.id                         1 
_struct_ref.db_name                    UNP 
_struct_ref.db_code                    FER_SPIPL 
_struct_ref.entity_id                  1 
_struct_ref.pdbx_db_accession          P00246 
_struct_ref.pdbx_align_begin           1 
_struct_ref.pdbx_seq_one_letter_code   
;ATYKVTLINEAEGINETIDCDDDTYILDAAEEAGLDLPYSCRAGACSTCAGTITSGTIDQSDQSFLDDDQIEAGYVLTCV
AYPTSDCTIKTHQEEGLY
;
_struct_ref.pdbx_db_isoform            ? 
# 
_struct_ref_seq.align_id                      1 
_struct_ref_seq.ref_id                        1 
_struct_ref_seq.pdbx_PDB_id_code              4FXC 
_struct_ref_seq.pdbx_strand_id                A 
_struct_ref_seq.seq_align_beg                 1 
_struct_ref_seq.pdbx_seq_align_beg_ins_code   ? 
_struct_ref_seq.seq_align_end                 98 
_struct_ref_seq.pdbx_seq_align_end_ins_code   ? 
_struct_ref_seq.pdbx_db_accession             P00246 
_struct_ref_seq.db_align_beg                  1 
_struct_ref_seq.pdbx_db_align_beg_ins_code    ? 
_struct_ref_seq.db_align_end                  98 
_struct_ref_seq.pdbx_db_align_end_ins_code    ? 
_struct_ref_seq.pdbx_auth_seq_align_beg       1 
_struct_ref_seq.pdbx_auth_seq_align_end       98 
# 
_pdbx_struct_assembly.id                   1 
_pdbx_struct_assembly.details              author_defined_assembly 
_pdbx_struct_assembly.method_details       ? 
_pdbx_struct_assembly.oligomeric_details   monomeric 
_pdbx_struct_assembly.oligomeric_count     1 
# 
_pdbx_struct_assembly_gen.assembly_id       1 
_pdbx_struct_assembly_gen.oper_expression   1 
_pdbx_struct_assembly_gen.asym_id_list      A,B,C 
# 
_pdbx_struct_oper_list.id                   1 
_pdbx_struct_oper_list.type                 'identity operation' 
_pdbx_struct_oper_list.name                 1_555 
_pdbx_struct_oper_list.symmetry_operation   x,y,z 
_pdbx_struct_oper_list.matrix[1][1]         1.0000000000 
_pdbx_struct_oper_list.matrix[1][2]         0.0000000000 
_pdbx_struct_oper_list.matrix[1][3]         0.0000000000 
_pdbx_struct_oper_list.vector[1]            0.0000000000 
_pdbx_struct_oper_list.matrix[2][1]         0.0000000000 
_pdbx_struct_oper_list.matrix[2][2]         1.0000000000 
_pdbx_struct_oper_list.matrix[2][3]         0.0000000000 
_pdbx_struct_oper_list.vector[2]            0.0000000000 
_pdbx_struct_oper_list.matrix[3][1]         0.0000000000 
_pdbx_struct_oper_list.matrix[3][2]         0.0000000000 
_pdbx_struct_oper_list.matrix[3][3]         1.0000000000 
_pdbx_struct_oper_list.vector[3]            0.0000000000 
# 
_struct_biol.id   1 
# 
loop_
_struct_conf.conf_type_id 
_struct_conf.id 
_struct_conf.pdbx_PDB_helix_id 
_struct_conf.beg_label_comp_id 
_struct_conf.beg_label_asym_id 
_struct_conf.beg_label_seq_id 
_struct_conf.pdbx_beg_PDB_ins_code 
_struct_conf.end_label_comp_id 
_struct_conf.end_label_asym_id 
_struct_conf.end_label_seq_id 
_struct_conf.pdbx_end_PDB_ins_code 
_struct_conf.beg_auth_comp_id 
_struct_conf.beg_auth_asym_id 
_struct_conf.beg_auth_seq_id 
_struct_conf.end_auth_comp_id 
_struct_conf.end_auth_asym_id 
_struct_conf.end_auth_seq_id 
_struct_conf.pdbx_PDB_helix_class 
_struct_conf.details 
_struct_conf.pdbx_PDB_helix_length 
HELX_P HELX_P1 1 ILE A 26 ? GLU A 32 ? ILE A 26 GLU A 32 1 ? 7 
HELX_P HELX_P2 2 ASP A 68 ? GLU A 72 ? ASP A 68 GLU A 72 1 ? 5 
# 
_struct_conf_type.id          HELX_P 
_struct_conf_type.criteria    ? 
_struct_conf_type.reference   ? 
# 
loop_
_struct_conn.id 
_struct_conn.conn_type_id 
_struct_conn.pdbx_leaving_atom_flag 
_struct_conn.pdbx_PDB_id 
_struct_conn.ptnr1_label_asym_id 
_struct_conn.ptnr1_label_comp_id 
_struct_conn.ptnr1_label_seq_id 
_struct_conn.ptnr1_label_atom_id 
_struct_conn.pdbx_ptnr1_label_alt_id 
_struct_conn.pdbx_ptnr1_PDB_ins_code 
_struct_conn.pdbx_ptnr1_standard_comp_id 
_struct_conn.ptnr1_symmetry 
_struct_conn.ptnr2_label_asym_id 
_struct_conn.ptnr2_label_comp_id 
_struct_conn.ptnr2_label_seq_id 
_struct_conn.ptnr2_label_atom_id 
_struct_conn.pdbx_ptnr2_label_alt_id 
_struct_conn.pdbx_ptnr2_PDB_ins_code 
_struct_conn.ptnr1_auth_asym_id 
_struct_conn.ptnr1_auth_comp_id 
_struct_conn.ptnr1_auth_seq_id 
_struct_conn.ptnr2_auth_asym_id 
_struct_conn.ptnr2_auth_comp_id 
_struct_conn.ptnr2_auth_seq_id 
_struct_conn.ptnr2_symmetry 
_struct_conn.pdbx_ptnr3_label_atom_id 
_struct_conn.pdbx_ptnr3_label_seq_id 
_struct_conn.pdbx_ptnr3_label_comp_id 
_struct_conn.pdbx_ptnr3_label_asym_id 
_struct_conn.pdbx_ptnr3_label_alt_id 
_struct_conn.pdbx_ptnr3_PDB_ins_code 
_struct_conn.details 
_struct_conn.pdbx_dist_value 
_struct_conn.pdbx_value_order 
_struct_conn.pdbx_role 
metalc1 metalc ? ? A CYS 41 SG ? ? ? 1_555 B FES . FE1 ? ? A CYS 41 A FES 99 1_555 ? ? ? ? ? ? ? 2.284 ? ? 
metalc2 metalc ? ? A CYS 46 SG ? ? ? 1_555 B FES . FE1 ? ? A CYS 46 A FES 99 1_555 ? ? ? ? ? ? ? 2.258 ? ? 
metalc3 metalc ? ? A CYS 49 SG ? ? ? 1_555 B FES . FE2 ? ? A CYS 49 A FES 99 1_555 ? ? ? ? ? ? ? 2.255 ? ? 
metalc4 metalc ? ? A CYS 79 SG ? ? ? 1_555 B FES . FE2 ? ? A CYS 79 A FES 99 1_555 ? ? ? ? ? ? ? 2.272 ? ? 
# 
_struct_conn_type.id          metalc 
_struct_conn_type.criteria    ? 
_struct_conn_type.reference   ? 
# 
loop_
_pdbx_struct_conn_angle.id 
_pdbx_struct_conn_angle.ptnr1_label_atom_id 
_pdbx_struct_conn_angle.ptnr1_label_alt_id 
_pdbx_struct_conn_angle.ptnr1_label_asym_id 
_pdbx_struct_conn_angle.ptnr1_label_comp_id 
_pdbx_struct_conn_angle.ptnr1_label_seq_id 
_pdbx_struct_conn_angle.ptnr1_auth_atom_id 
_pdbx_struct_conn_angle.ptnr1_auth_asym_id 
_pdbx_struct_conn_angle.ptnr1_auth_comp_id 
_pdbx_struct_conn_angle.ptnr1_auth_seq_id 
_pdbx_struct_conn_angle.ptnr1_PDB_ins_code 
_pdbx_struct_conn_angle.ptnr1_symmetry 
_pdbx_struct_conn_angle.ptnr2_label_atom_id 
_pdbx_struct_conn_angle.ptnr2_label_alt_id 
_pdbx_struct_conn_angle.ptnr2_label_asym_id 
_pdbx_struct_conn_angle.ptnr2_label_comp_id 
_pdbx_struct_conn_angle.ptnr2_label_seq_id 
_pdbx_struct_conn_angle.ptnr2_auth_atom_id 
_pdbx_struct_conn_angle.ptnr2_auth_asym_id 
_pdbx_struct_conn_angle.ptnr2_auth_comp_id 
_pdbx_struct_conn_angle.ptnr2_auth_seq_id 
_pdbx_struct_conn_angle.ptnr2_PDB_ins_code 
_pdbx_struct_conn_angle.ptnr2_symmetry 
_pdbx_struct_conn_angle.ptnr3_label_atom_id 
_pdbx_struct_conn_angle.ptnr3_label_alt_id 
_pdbx_struct_conn_angle.ptnr3_label_asym_id 
_pdbx_struct_conn_angle.ptnr3_label_comp_id 
_pdbx_struct_conn_angle.ptnr3_label_seq_id 
_pdbx_struct_conn_angle.ptnr3_auth_atom_id 
_pdbx_struct_conn_angle.ptnr3_auth_asym_id 
_pdbx_struct_conn_angle.ptnr3_auth_comp_id 
_pdbx_struct_conn_angle.ptnr3_auth_seq_id 
_pdbx_struct_conn_angle.ptnr3_PDB_ins_code 
_pdbx_struct_conn_angle.ptnr3_symmetry 
_pdbx_struct_conn_angle.value 
_pdbx_struct_conn_angle.value_esd 
1  SG ? A CYS 41 ? A CYS 41 ? 1_555 FE1 ? B FES . ? A FES 99 ? 1_555 S1 ? B FES .  ? A FES 99 ? 1_555 107.8 ? 
2  SG ? A CYS 41 ? A CYS 41 ? 1_555 FE1 ? B FES . ? A FES 99 ? 1_555 S2 ? B FES .  ? A FES 99 ? 1_555 95.3  ? 
3  S1 ? B FES .  ? A FES 99 ? 1_555 FE1 ? B FES . ? A FES 99 ? 1_555 S2 ? B FES .  ? A FES 99 ? 1_555 107.2 ? 
4  SG ? A CYS 41 ? A CYS 41 ? 1_555 FE1 ? B FES . ? A FES 99 ? 1_555 SG ? A CYS 46 ? A CYS 46 ? 1_555 115.1 ? 
5  S1 ? B FES .  ? A FES 99 ? 1_555 FE1 ? B FES . ? A FES 99 ? 1_555 SG ? A CYS 46 ? A CYS 46 ? 1_555 115.0 ? 
6  S2 ? B FES .  ? A FES 99 ? 1_555 FE1 ? B FES . ? A FES 99 ? 1_555 SG ? A CYS 46 ? A CYS 46 ? 1_555 114.5 ? 
7  SG ? A CYS 49 ? A CYS 49 ? 1_555 FE2 ? B FES . ? A FES 99 ? 1_555 S1 ? B FES .  ? A FES 99 ? 1_555 114.2 ? 
8  SG ? A CYS 49 ? A CYS 49 ? 1_555 FE2 ? B FES . ? A FES 99 ? 1_555 S2 ? B FES .  ? A FES 99 ? 1_555 122.2 ? 
9  S1 ? B FES .  ? A FES 99 ? 1_555 FE2 ? B FES . ? A FES 99 ? 1_555 S2 ? B FES .  ? A FES 99 ? 1_555 104.3 ? 
10 SG ? A CYS 49 ? A CYS 49 ? 1_555 FE2 ? B FES . ? A FES 99 ? 1_555 SG ? A CYS 79 ? A CYS 79 ? 1_555 103.3 ? 
11 S1 ? B FES .  ? A FES 99 ? 1_555 FE2 ? B FES . ? A FES 99 ? 1_555 SG ? A CYS 79 ? A CYS 79 ? 1_555 113.2 ? 
12 S2 ? B FES .  ? A FES 99 ? 1_555 FE2 ? B FES . ? A FES 99 ? 1_555 SG ? A CYS 79 ? A CYS 79 ? 1_555 98.9  ? 
# 
_struct_sheet.id               A 
_struct_sheet.type             ? 
_struct_sheet.number_strands   4 
_struct_sheet.details          ? 
# 
loop_
_struct_sheet_order.sheet_id 
_struct_sheet_order.range_id_1 
_struct_sheet_order.range_id_2 
_struct_sheet_order.offset 
_struct_sheet_order.sense 
A 1 2 ? anti-parallel 
A 2 3 ? parallel      
A 3 4 ? anti-parallel 
# 
loop_
_struct_sheet_range.sheet_id 
_struct_sheet_range.id 
_struct_sheet_range.beg_label_comp_id 
_struct_sheet_range.beg_label_asym_id 
_struct_sheet_range.beg_label_seq_id 
_struct_sheet_range.pdbx_beg_PDB_ins_code 
_struct_sheet_range.end_label_comp_id 
_struct_sheet_range.end_label_asym_id 
_struct_sheet_range.end_label_seq_id 
_struct_sheet_range.pdbx_end_PDB_ins_code 
_struct_sheet_range.beg_auth_comp_id 
_struct_sheet_range.beg_auth_asym_id 
_struct_sheet_range.beg_auth_seq_id 
_struct_sheet_range.end_auth_comp_id 
_struct_sheet_range.end_auth_asym_id 
_struct_sheet_range.end_auth_seq_id 
A 1 ILE A 14 ? ASP A 21 ? ILE A 14 ASP A 21 
A 2 TYR A 3  ? ASN A 9  ? TYR A 3  ASN A 9  
A 3 ASP A 86 ? LYS A 90 ? ASP A 86 LYS A 90 
A 4 ALA A 50 ? ILE A 53 ? ALA A 50 ILE A 53 
# 
loop_
_pdbx_struct_sheet_hbond.sheet_id 
_pdbx_struct_sheet_hbond.range_id_1 
_pdbx_struct_sheet_hbond.range_id_2 
_pdbx_struct_sheet_hbond.range_1_label_atom_id 
_pdbx_struct_sheet_hbond.range_1_label_comp_id 
_pdbx_struct_sheet_hbond.range_1_label_asym_id 
_pdbx_struct_sheet_hbond.range_1_label_seq_id 
_pdbx_struct_sheet_hbond.range_1_PDB_ins_code 
_pdbx_struct_sheet_hbond.range_1_auth_atom_id 
_pdbx_struct_sheet_hbond.range_1_auth_comp_id 
_pdbx_struct_sheet_hbond.range_1_auth_asym_id 
_pdbx_struct_sheet_hbond.range_1_auth_seq_id 
_pdbx_struct_sheet_hbond.range_2_label_atom_id 
_pdbx_struct_sheet_hbond.range_2_label_comp_id 
_pdbx_struct_sheet_hbond.range_2_label_asym_id 
_pdbx_struct_sheet_hbond.range_2_label_seq_id 
_pdbx_struct_sheet_hbond.range_2_PDB_ins_code 
_pdbx_struct_sheet_hbond.range_2_auth_atom_id 
_pdbx_struct_sheet_hbond.range_2_auth_comp_id 
_pdbx_struct_sheet_hbond.range_2_auth_asym_id 
_pdbx_struct_sheet_hbond.range_2_auth_seq_id 
A 1 2 O GLU A 16 ? O GLU A 16 N LEU A 7  ? N LEU A 7  
A 2 3 O THR A 6  ? O THR A 6  N CYS A 87 ? N CYS A 87 
A 3 4 O LYS A 90 ? O LYS A 90 N THR A 52 ? N THR A 52 
# 
_struct_site.id                   AC1 
_struct_site.pdbx_evidence_code   Software 
_struct_site.pdbx_auth_asym_id    A 
_struct_site.pdbx_auth_comp_id    FES 
_struct_site.pdbx_auth_seq_id     99 
_struct_site.pdbx_auth_ins_code   ? 
_struct_site.pdbx_num_residues    9 
_struct_site.details              'BINDING SITE FOR RESIDUE FES A 99' 
# 
loop_
_struct_site_gen.id 
_struct_site_gen.site_id 
_struct_site_gen.pdbx_num_res 
_struct_site_gen.label_comp_id 
_struct_site_gen.label_asym_id 
_struct_site_gen.label_seq_id 
_struct_site_gen.pdbx_auth_ins_code 
_struct_site_gen.auth_comp_id 
_struct_site_gen.auth_asym_id 
_struct_site_gen.auth_seq_id 
_struct_site_gen.label_atom_id 
_struct_site_gen.label_alt_id 
_struct_site_gen.symmetry 
_struct_site_gen.details 
1 AC1 9 TYR A 39 ? TYR A 39 . ? 1_555 ? 
2 AC1 9 SER A 40 ? SER A 40 . ? 1_555 ? 
3 AC1 9 CYS A 41 ? CYS A 41 . ? 1_555 ? 
4 AC1 9 ARG A 42 ? ARG A 42 . ? 1_555 ? 
5 AC1 9 GLY A 44 ? GLY A 44 . ? 1_555 ? 
6 AC1 9 CYS A 46 ? CYS A 46 . ? 1_555 ? 
7 AC1 9 CYS A 49 ? CYS A 49 . ? 1_555 ? 
8 AC1 9 LEU A 77 ? LEU A 77 . ? 1_555 ? 
9 AC1 9 CYS A 79 ? CYS A 79 . ? 1_555 ? 
# 
loop_
_pdbx_validate_rmsd_angle.id 
_pdbx_validate_rmsd_angle.PDB_model_num 
_pdbx_validate_rmsd_angle.auth_atom_id_1 
_pdbx_validate_rmsd_angle.auth_asym_id_1 
_pdbx_validate_rmsd_angle.auth_comp_id_1 
_pdbx_validate_rmsd_angle.auth_seq_id_1 
_pdbx_validate_rmsd_angle.PDB_ins_code_1 
_pdbx_validate_rmsd_angle.label_alt_id_1 
_pdbx_validate_rmsd_angle.auth_atom_id_2 
_pdbx_validate_rmsd_angle.auth_asym_id_2 
_pdbx_validate_rmsd_angle.auth_comp_id_2 
_pdbx_validate_rmsd_angle.auth_seq_id_2 
_pdbx_validate_rmsd_angle.PDB_ins_code_2 
_pdbx_validate_rmsd_angle.label_alt_id_2 
_pdbx_validate_rmsd_angle.auth_atom_id_3 
_pdbx_validate_rmsd_angle.auth_asym_id_3 
_pdbx_validate_rmsd_angle.auth_comp_id_3 
_pdbx_validate_rmsd_angle.auth_seq_id_3 
_pdbx_validate_rmsd_angle.PDB_ins_code_3 
_pdbx_validate_rmsd_angle.label_alt_id_3 
_pdbx_validate_rmsd_angle.angle_value 
_pdbx_validate_rmsd_angle.angle_target_value 
_pdbx_validate_rmsd_angle.angle_deviation 
_pdbx_validate_rmsd_angle.angle_standard_deviation 
_pdbx_validate_rmsd_angle.linker_flag 
1  1 CB A TYR 3  ? ? CG A TYR 3  ? ? CD1 A TYR 3  ? ? 116.66 121.00 -4.34  0.60 N 
2  1 N  A ASN 9  ? ? CA A ASN 9  ? ? C   A ASN 9  ? ? 93.19  111.00 -17.81 2.70 N 
3  1 CA A LEU 35 ? ? CB A LEU 35 ? ? CG  A LEU 35 ? ? 130.70 115.30 15.40  2.30 N 
4  1 CA A ASP 36 ? ? CB A ASP 36 ? ? CG  A ASP 36 ? ? 127.39 113.40 13.99  2.20 N 
5  1 C  A LEU 37 ? ? N  A PRO 38 ? ? CA  A PRO 38 ? ? 129.85 119.30 10.55  1.50 Y 
6  1 CB A TYR 39 ? ? CG A TYR 39 ? ? CD2 A TYR 39 ? ? 116.69 121.00 -4.31  0.60 N 
7  1 CA A CYS 79 ? ? CB A CYS 79 ? ? SG  A CYS 79 ? ? 121.33 114.20 7.13   1.10 N 
8  1 CA A HIS 92 ? ? C  A HIS 92 ? ? N   A GLN 93 ? ? 132.22 117.20 15.02  2.20 Y 
9  1 O  A HIS 92 ? ? C  A HIS 92 ? ? N   A GLN 93 ? ? 112.52 122.70 -10.18 1.60 Y 
10 1 CB A LEU 97 ? ? CG A LEU 97 ? ? CD1 A LEU 97 ? ? 99.34  111.00 -11.66 1.70 N 
11 1 N  A LEU 97 ? ? CA A LEU 97 ? ? C   A LEU 97 ? ? 127.70 111.00 16.70  2.70 N 
12 1 CA A TYR 98 ? ? CB A TYR 98 ? ? CG  A TYR 98 ? ? 129.17 113.40 15.77  1.90 N 
13 1 CB A TYR 98 ? ? CG A TYR 98 ? ? CD2 A TYR 98 ? ? 116.78 121.00 -4.22  0.60 N 
14 1 CB A TYR 98 ? ? CG A TYR 98 ? ? CD1 A TYR 98 ? ? 124.68 121.00 3.68   0.60 N 
# 
loop_
_pdbx_validate_torsion.id 
_pdbx_validate_torsion.PDB_model_num 
_pdbx_validate_torsion.auth_comp_id 
_pdbx_validate_torsion.auth_asym_id 
_pdbx_validate_torsion.auth_seq_id 
_pdbx_validate_torsion.PDB_ins_code 
_pdbx_validate_torsion.label_alt_id 
_pdbx_validate_torsion.phi 
_pdbx_validate_torsion.psi 
1  1 THR A 2  ? ? -151.04 -75.43  
2  1 ASN A 9  ? ? -151.56 78.78   
3  1 GLU A 10 ? ? -37.01  -38.96  
4  1 GLU A 12 ? ? 168.40  -8.45   
5  1 ILE A 14 ? ? -39.08  103.62  
6  1 ASN A 15 ? ? -150.52 48.54   
7  1 ASP A 23 ? ? -174.01 15.15   
8  1 TYR A 39 ? ? -179.03 148.34  
9  1 SER A 40 ? ? -131.37 -67.83  
10 1 ALA A 43 ? ? -148.56 10.70   
11 1 CYS A 46 ? ? -164.02 -159.05 
12 1 THR A 48 ? ? -34.95  -35.37  
13 1 GLN A 60 ? ? -93.09  -64.09  
14 1 SER A 61 ? ? 58.61   -63.13  
15 1 ASP A 68 ? ? -18.55  -66.30  
16 1 LEU A 77 ? ? -101.96 42.78   
17 1 THR A 78 ? ? 7.73    -60.23  
18 1 CYS A 79 ? ? -39.91  -34.60  
19 1 HIS A 92 ? ? -119.60 63.66   
20 1 LEU A 97 ? ? -29.68  -54.29  
# 
loop_
_chem_comp_atom.comp_id 
_chem_comp_atom.atom_id 
_chem_comp_atom.type_symbol 
_chem_comp_atom.pdbx_aromatic_flag 
_chem_comp_atom.pdbx_stereo_config 
_chem_comp_atom.pdbx_ordinal 
ALA N    N  N N 1   
ALA CA   C  N S 2   
ALA C    C  N N 3   
ALA O    O  N N 4   
ALA CB   C  N N 5   
ALA OXT  O  N N 6   
ALA H    H  N N 7   
ALA H2   H  N N 8   
ALA HA   H  N N 9   
ALA HB1  H  N N 10  
ALA HB2  H  N N 11  
ALA HB3  H  N N 12  
ALA HXT  H  N N 13  
ARG N    N  N N 14  
ARG CA   C  N S 15  
ARG C    C  N N 16  
ARG O    O  N N 17  
ARG CB   C  N N 18  
ARG CG   C  N N 19  
ARG CD   C  N N 20  
ARG NE   N  N N 21  
ARG CZ   C  N N 22  
ARG NH1  N  N N 23  
ARG NH2  N  N N 24  
ARG OXT  O  N N 25  
ARG H    H  N N 26  
ARG H2   H  N N 27  
ARG HA   H  N N 28  
ARG HB2  H  N N 29  
ARG HB3  H  N N 30  
ARG HG2  H  N N 31  
ARG HG3  H  N N 32  
ARG HD2  H  N N 33  
ARG HD3  H  N N 34  
ARG HE   H  N N 35  
ARG HH11 H  N N 36  
ARG HH12 H  N N 37  
ARG HH21 H  N N 38  
ARG HH22 H  N N 39  
ARG HXT  H  N N 40  
ASN N    N  N N 41  
ASN CA   C  N S 42  
ASN C    C  N N 43  
ASN O    O  N N 44  
ASN CB   C  N N 45  
ASN CG   C  N N 46  
ASN OD1  O  N N 47  
ASN ND2  N  N N 48  
ASN OXT  O  N N 49  
ASN H    H  N N 50  
ASN H2   H  N N 51  
ASN HA   H  N N 52  
ASN HB2  H  N N 53  
ASN HB3  H  N N 54  
ASN HD21 H  N N 55  
ASN HD22 H  N N 56  
ASN HXT  H  N N 57  
ASP N    N  N N 58  
ASP CA   C  N S 59  
ASP C    C  N N 60  
ASP O    O  N N 61  
ASP CB   C  N N 62  
ASP CG   C  N N 63  
ASP OD1  O  N N 64  
ASP OD2  O  N N 65  
ASP OXT  O  N N 66  
ASP H    H  N N 67  
ASP H2   H  N N 68  
ASP HA   H  N N 69  
ASP HB2  H  N N 70  
ASP HB3  H  N N 71  
ASP HD2  H  N N 72  
ASP HXT  H  N N 73  
CYS N    N  N N 74  
CYS CA   C  N R 75  
CYS C    C  N N 76  
CYS O    O  N N 77  
CYS CB   C  N N 78  
CYS SG   S  N N 79  
CYS OXT  O  N N 80  
CYS H    H  N N 81  
CYS H2   H  N N 82  
CYS HA   H  N N 83  
CYS HB2  H  N N 84  
CYS HB3  H  N N 85  
CYS HG   H  N N 86  
CYS HXT  H  N N 87  
FES FE1  FE N N 88  
FES FE2  FE N N 89  
FES S1   S  N N 90  
FES S2   S  N N 91  
GLN N    N  N N 92  
GLN CA   C  N S 93  
GLN C    C  N N 94  
GLN O    O  N N 95  
GLN CB   C  N N 96  
GLN CG   C  N N 97  
GLN CD   C  N N 98  
GLN OE1  O  N N 99  
GLN NE2  N  N N 100 
GLN OXT  O  N N 101 
GLN H    H  N N 102 
GLN H2   H  N N 103 
GLN HA   H  N N 104 
GLN HB2  H  N N 105 
GLN HB3  H  N N 106 
GLN HG2  H  N N 107 
GLN HG3  H  N N 108 
GLN HE21 H  N N 109 
GLN HE22 H  N N 110 
GLN HXT  H  N N 111 
GLU N    N  N N 112 
GLU CA   C  N S 113 
GLU C    C  N N 114 
GLU O    O  N N 115 
GLU CB   C  N N 116 
GLU CG   C  N N 117 
GLU CD   C  N N 118 
GLU OE1  O  N N 119 
GLU OE2  O  N N 120 
GLU OXT  O  N N 121 
GLU H    H  N N 122 
GLU H2   H  N N 123 
GLU HA   H  N N 124 
GLU HB2  H  N N 125 
GLU HB3  H  N N 126 
GLU HG2  H  N N 127 
GLU HG3  H  N N 128 
GLU HE2  H  N N 129 
GLU HXT  H  N N 130 
GLY N    N  N N 131 
GLY CA   C  N N 132 
GLY C    C  N N 133 
GLY O    O  N N 134 
GLY OXT  O  N N 135 
GLY H    H  N N 136 
GLY H2   H  N N 137 
GLY HA2  H  N N 138 
GLY HA3  H  N N 139 
GLY HXT  H  N N 140 
HIS N    N  N N 141 
HIS CA   C  N S 142 
HIS C    C  N N 143 
HIS O    O  N N 144 
HIS CB   C  N N 145 
HIS CG   C  Y N 146 
HIS ND1  N  Y N 147 
HIS CD2  C  Y N 148 
HIS CE1  C  Y N 149 
HIS NE2  N  Y N 150 
HIS OXT  O  N N 151 
HIS H    H  N N 152 
HIS H2   H  N N 153 
HIS HA   H  N N 154 
HIS HB2  H  N N 155 
HIS HB3  H  N N 156 
HIS HD1  H  N N 157 
HIS HD2  H  N N 158 
HIS HE1  H  N N 159 
HIS HE2  H  N N 160 
HIS HXT  H  N N 161 
HOH O    O  N N 162 
HOH H1   H  N N 163 
HOH H2   H  N N 164 
ILE N    N  N N 165 
ILE CA   C  N S 166 
ILE C    C  N N 167 
ILE O    O  N N 168 
ILE CB   C  N S 169 
ILE CG1  C  N N 170 
ILE CG2  C  N N 171 
ILE CD1  C  N N 172 
ILE OXT  O  N N 173 
ILE H    H  N N 174 
ILE H2   H  N N 175 
ILE HA   H  N N 176 
ILE HB   H  N N 177 
ILE HG12 H  N N 178 
ILE HG13 H  N N 179 
ILE HG21 H  N N 180 
ILE HG22 H  N N 181 
ILE HG23 H  N N 182 
ILE HD11 H  N N 183 
ILE HD12 H  N N 184 
ILE HD13 H  N N 185 
ILE HXT  H  N N 186 
LEU N    N  N N 187 
LEU CA   C  N S 188 
LEU C    C  N N 189 
LEU O    O  N N 190 
LEU CB   C  N N 191 
LEU CG   C  N N 192 
LEU CD1  C  N N 193 
LEU CD2  C  N N 194 
LEU OXT  O  N N 195 
LEU H    H  N N 196 
LEU H2   H  N N 197 
LEU HA   H  N N 198 
LEU HB2  H  N N 199 
LEU HB3  H  N N 200 
LEU HG   H  N N 201 
LEU HD11 H  N N 202 
LEU HD12 H  N N 203 
LEU HD13 H  N N 204 
LEU HD21 H  N N 205 
LEU HD22 H  N N 206 
LEU HD23 H  N N 207 
LEU HXT  H  N N 208 
LYS N    N  N N 209 
LYS CA   C  N S 210 
LYS C    C  N N 211 
LYS O    O  N N 212 
LYS CB   C  N N 213 
LYS CG   C  N N 214 
LYS CD   C  N N 215 
LYS CE   C  N N 216 
LYS NZ   N  N N 217 
LYS OXT  O  N N 218 
LYS H    H  N N 219 
LYS H2   H  N N 220 
LYS HA   H  N N 221 
LYS HB2  H  N N 222 
LYS HB3  H  N N 223 
LYS HG2  H  N N 224 
LYS HG3  H  N N 225 
LYS HD2  H  N N 226 
LYS HD3  H  N N 227 
LYS HE2  H  N N 228 
LYS HE3  H  N N 229 
LYS HZ1  H  N N 230 
LYS HZ2  H  N N 231 
LYS HZ3  H  N N 232 
LYS HXT  H  N N 233 
PHE N    N  N N 234 
PHE CA   C  N S 235 
PHE C    C  N N 236 
PHE O    O  N N 237 
PHE CB   C  N N 238 
PHE CG   C  Y N 239 
PHE CD1  C  Y N 240 
PHE CD2  C  Y N 241 
PHE CE1  C  Y N 242 
PHE CE2  C  Y N 243 
PHE CZ   C  Y N 244 
PHE OXT  O  N N 245 
PHE H    H  N N 246 
PHE H2   H  N N 247 
PHE HA   H  N N 248 
PHE HB2  H  N N 249 
PHE HB3  H  N N 250 
PHE HD1  H  N N 251 
PHE HD2  H  N N 252 
PHE HE1  H  N N 253 
PHE HE2  H  N N 254 
PHE HZ   H  N N 255 
PHE HXT  H  N N 256 
PRO N    N  N N 257 
PRO CA   C  N S 258 
PRO C    C  N N 259 
PRO O    O  N N 260 
PRO CB   C  N N 261 
PRO CG   C  N N 262 
PRO CD   C  N N 263 
PRO OXT  O  N N 264 
PRO H    H  N N 265 
PRO HA   H  N N 266 
PRO HB2  H  N N 267 
PRO HB3  H  N N 268 
PRO HG2  H  N N 269 
PRO HG3  H  N N 270 
PRO HD2  H  N N 271 
PRO HD3  H  N N 272 
PRO HXT  H  N N 273 
SER N    N  N N 274 
SER CA   C  N S 275 
SER C    C  N N 276 
SER O    O  N N 277 
SER CB   C  N N 278 
SER OG   O  N N 279 
SER OXT  O  N N 280 
SER H    H  N N 281 
SER H2   H  N N 282 
SER HA   H  N N 283 
SER HB2  H  N N 284 
SER HB3  H  N N 285 
SER HG   H  N N 286 
SER HXT  H  N N 287 
THR N    N  N N 288 
THR CA   C  N S 289 
THR C    C  N N 290 
THR O    O  N N 291 
THR CB   C  N R 292 
THR OG1  O  N N 293 
THR CG2  C  N N 294 
THR OXT  O  N N 295 
THR H    H  N N 296 
THR H2   H  N N 297 
THR HA   H  N N 298 
THR HB   H  N N 299 
THR HG1  H  N N 300 
THR HG21 H  N N 301 
THR HG22 H  N N 302 
THR HG23 H  N N 303 
THR HXT  H  N N 304 
TYR N    N  N N 305 
TYR CA   C  N S 306 
TYR C    C  N N 307 
TYR O    O  N N 308 
TYR CB   C  N N 309 
TYR CG   C  Y N 310 
TYR CD1  C  Y N 311 
TYR CD2  C  Y N 312 
TYR CE1  C  Y N 313 
TYR CE2  C  Y N 314 
TYR CZ   C  Y N 315 
TYR OH   O  N N 316 
TYR OXT  O  N N 317 
TYR H    H  N N 318 
TYR H2   H  N N 319 
TYR HA   H  N N 320 
TYR HB2  H  N N 321 
TYR HB3  H  N N 322 
TYR HD1  H  N N 323 
TYR HD2  H  N N 324 
TYR HE1  H  N N 325 
TYR HE2  H  N N 326 
TYR HH   H  N N 327 
TYR HXT  H  N N 328 
VAL N    N  N N 329 
VAL CA   C  N S 330 
VAL C    C  N N 331 
VAL O    O  N N 332 
VAL CB   C  N N 333 
VAL CG1  C  N N 334 
VAL CG2  C  N N 335 
VAL OXT  O  N N 336 
VAL H    H  N N 337 
VAL H2   H  N N 338 
VAL HA   H  N N 339 
VAL HB   H  N N 340 
VAL HG11 H  N N 341 
VAL HG12 H  N N 342 
VAL HG13 H  N N 343 
VAL HG21 H  N N 344 
VAL HG22 H  N N 345 
VAL HG23 H  N N 346 
VAL HXT  H  N N 347 
# 
loop_
_chem_comp_bond.comp_id 
_chem_comp_bond.atom_id_1 
_chem_comp_bond.atom_id_2 
_chem_comp_bond.value_order 
_chem_comp_bond.pdbx_aromatic_flag 
_chem_comp_bond.pdbx_stereo_config 
_chem_comp_bond.pdbx_ordinal 
ALA N   CA   sing N N 1   
ALA N   H    sing N N 2   
ALA N   H2   sing N N 3   
ALA CA  C    sing N N 4   
ALA CA  CB   sing N N 5   
ALA CA  HA   sing N N 6   
ALA C   O    doub N N 7   
ALA C   OXT  sing N N 8   
ALA CB  HB1  sing N N 9   
ALA CB  HB2  sing N N 10  
ALA CB  HB3  sing N N 11  
ALA OXT HXT  sing N N 12  
ARG N   CA   sing N N 13  
ARG N   H    sing N N 14  
ARG N   H2   sing N N 15  
ARG CA  C    sing N N 16  
ARG CA  CB   sing N N 17  
ARG CA  HA   sing N N 18  
ARG C   O    doub N N 19  
ARG C   OXT  sing N N 20  
ARG CB  CG   sing N N 21  
ARG CB  HB2  sing N N 22  
ARG CB  HB3  sing N N 23  
ARG CG  CD   sing N N 24  
ARG CG  HG2  sing N N 25  
ARG CG  HG3  sing N N 26  
ARG CD  NE   sing N N 27  
ARG CD  HD2  sing N N 28  
ARG CD  HD3  sing N N 29  
ARG NE  CZ   sing N N 30  
ARG NE  HE   sing N N 31  
ARG CZ  NH1  sing N N 32  
ARG CZ  NH2  doub N N 33  
ARG NH1 HH11 sing N N 34  
ARG NH1 HH12 sing N N 35  
ARG NH2 HH21 sing N N 36  
ARG NH2 HH22 sing N N 37  
ARG OXT HXT  sing N N 38  
ASN N   CA   sing N N 39  
ASN N   H    sing N N 40  
ASN N   H2   sing N N 41  
ASN CA  C    sing N N 42  
ASN CA  CB   sing N N 43  
ASN CA  HA   sing N N 44  
ASN C   O    doub N N 45  
ASN C   OXT  sing N N 46  
ASN CB  CG   sing N N 47  
ASN CB  HB2  sing N N 48  
ASN CB  HB3  sing N N 49  
ASN CG  OD1  doub N N 50  
ASN CG  ND2  sing N N 51  
ASN ND2 HD21 sing N N 52  
ASN ND2 HD22 sing N N 53  
ASN OXT HXT  sing N N 54  
ASP N   CA   sing N N 55  
ASP N   H    sing N N 56  
ASP N   H2   sing N N 57  
ASP CA  C    sing N N 58  
ASP CA  CB   sing N N 59  
ASP CA  HA   sing N N 60  
ASP C   O    doub N N 61  
ASP C   OXT  sing N N 62  
ASP CB  CG   sing N N 63  
ASP CB  HB2  sing N N 64  
ASP CB  HB3  sing N N 65  
ASP CG  OD1  doub N N 66  
ASP CG  OD2  sing N N 67  
ASP OD2 HD2  sing N N 68  
ASP OXT HXT  sing N N 69  
CYS N   CA   sing N N 70  
CYS N   H    sing N N 71  
CYS N   H2   sing N N 72  
CYS CA  C    sing N N 73  
CYS CA  CB   sing N N 74  
CYS CA  HA   sing N N 75  
CYS C   O    doub N N 76  
CYS C   OXT  sing N N 77  
CYS CB  SG   sing N N 78  
CYS CB  HB2  sing N N 79  
CYS CB  HB3  sing N N 80  
CYS SG  HG   sing N N 81  
CYS OXT HXT  sing N N 82  
FES FE1 S1   sing N N 83  
FES FE1 S2   sing N N 84  
FES FE2 S1   sing N N 85  
FES FE2 S2   sing N N 86  
GLN N   CA   sing N N 87  
GLN N   H    sing N N 88  
GLN N   H2   sing N N 89  
GLN CA  C    sing N N 90  
GLN CA  CB   sing N N 91  
GLN CA  HA   sing N N 92  
GLN C   O    doub N N 93  
GLN C   OXT  sing N N 94  
GLN CB  CG   sing N N 95  
GLN CB  HB2  sing N N 96  
GLN CB  HB3  sing N N 97  
GLN CG  CD   sing N N 98  
GLN CG  HG2  sing N N 99  
GLN CG  HG3  sing N N 100 
GLN CD  OE1  doub N N 101 
GLN CD  NE2  sing N N 102 
GLN NE2 HE21 sing N N 103 
GLN NE2 HE22 sing N N 104 
GLN OXT HXT  sing N N 105 
GLU N   CA   sing N N 106 
GLU N   H    sing N N 107 
GLU N   H2   sing N N 108 
GLU CA  C    sing N N 109 
GLU CA  CB   sing N N 110 
GLU CA  HA   sing N N 111 
GLU C   O    doub N N 112 
GLU C   OXT  sing N N 113 
GLU CB  CG   sing N N 114 
GLU CB  HB2  sing N N 115 
GLU CB  HB3  sing N N 116 
GLU CG  CD   sing N N 117 
GLU CG  HG2  sing N N 118 
GLU CG  HG3  sing N N 119 
GLU CD  OE1  doub N N 120 
GLU CD  OE2  sing N N 121 
GLU OE2 HE2  sing N N 122 
GLU OXT HXT  sing N N 123 
GLY N   CA   sing N N 124 
GLY N   H    sing N N 125 
GLY N   H2   sing N N 126 
GLY CA  C    sing N N 127 
GLY CA  HA2  sing N N 128 
GLY CA  HA3  sing N N 129 
GLY C   O    doub N N 130 
GLY C   OXT  sing N N 131 
GLY OXT HXT  sing N N 132 
HIS N   CA   sing N N 133 
HIS N   H    sing N N 134 
HIS N   H2   sing N N 135 
HIS CA  C    sing N N 136 
HIS CA  CB   sing N N 137 
HIS CA  HA   sing N N 138 
HIS C   O    doub N N 139 
HIS C   OXT  sing N N 140 
HIS CB  CG   sing N N 141 
HIS CB  HB2  sing N N 142 
HIS CB  HB3  sing N N 143 
HIS CG  ND1  sing Y N 144 
HIS CG  CD2  doub Y N 145 
HIS ND1 CE1  doub Y N 146 
HIS ND1 HD1  sing N N 147 
HIS CD2 NE2  sing Y N 148 
HIS CD2 HD2  sing N N 149 
HIS CE1 NE2  sing Y N 150 
HIS CE1 HE1  sing N N 151 
HIS NE2 HE2  sing N N 152 
HIS OXT HXT  sing N N 153 
HOH O   H1   sing N N 154 
HOH O   H2   sing N N 155 
ILE N   CA   sing N N 156 
ILE N   H    sing N N 157 
ILE N   H2   sing N N 158 
ILE CA  C    sing N N 159 
ILE CA  CB   sing N N 160 
ILE CA  HA   sing N N 161 
ILE C   O    doub N N 162 
ILE C   OXT  sing N N 163 
ILE CB  CG1  sing N N 164 
ILE CB  CG2  sing N N 165 
ILE CB  HB   sing N N 166 
ILE CG1 CD1  sing N N 167 
ILE CG1 HG12 sing N N 168 
ILE CG1 HG13 sing N N 169 
ILE CG2 HG21 sing N N 170 
ILE CG2 HG22 sing N N 171 
ILE CG2 HG23 sing N N 172 
ILE CD1 HD11 sing N N 173 
ILE CD1 HD12 sing N N 174 
ILE CD1 HD13 sing N N 175 
ILE OXT HXT  sing N N 176 
LEU N   CA   sing N N 177 
LEU N   H    sing N N 178 
LEU N   H2   sing N N 179 
LEU CA  C    sing N N 180 
LEU CA  CB   sing N N 181 
LEU CA  HA   sing N N 182 
LEU C   O    doub N N 183 
LEU C   OXT  sing N N 184 
LEU CB  CG   sing N N 185 
LEU CB  HB2  sing N N 186 
LEU CB  HB3  sing N N 187 
LEU CG  CD1  sing N N 188 
LEU CG  CD2  sing N N 189 
LEU CG  HG   sing N N 190 
LEU CD1 HD11 sing N N 191 
LEU CD1 HD12 sing N N 192 
LEU CD1 HD13 sing N N 193 
LEU CD2 HD21 sing N N 194 
LEU CD2 HD22 sing N N 195 
LEU CD2 HD23 sing N N 196 
LEU OXT HXT  sing N N 197 
LYS N   CA   sing N N 198 
LYS N   H    sing N N 199 
LYS N   H2   sing N N 200 
LYS CA  C    sing N N 201 
LYS CA  CB   sing N N 202 
LYS CA  HA   sing N N 203 
LYS C   O    doub N N 204 
LYS C   OXT  sing N N 205 
LYS CB  CG   sing N N 206 
LYS CB  HB2  sing N N 207 
LYS CB  HB3  sing N N 208 
LYS CG  CD   sing N N 209 
LYS CG  HG2  sing N N 210 
LYS CG  HG3  sing N N 211 
LYS CD  CE   sing N N 212 
LYS CD  HD2  sing N N 213 
LYS CD  HD3  sing N N 214 
LYS CE  NZ   sing N N 215 
LYS CE  HE2  sing N N 216 
LYS CE  HE3  sing N N 217 
LYS NZ  HZ1  sing N N 218 
LYS NZ  HZ2  sing N N 219 
LYS NZ  HZ3  sing N N 220 
LYS OXT HXT  sing N N 221 
PHE N   CA   sing N N 222 
PHE N   H    sing N N 223 
PHE N   H2   sing N N 224 
PHE CA  C    sing N N 225 
PHE CA  CB   sing N N 226 
PHE CA  HA   sing N N 227 
PHE C   O    doub N N 228 
PHE C   OXT  sing N N 229 
PHE CB  CG   sing N N 230 
PHE CB  HB2  sing N N 231 
PHE CB  HB3  sing N N 232 
PHE CG  CD1  doub Y N 233 
PHE CG  CD2  sing Y N 234 
PHE CD1 CE1  sing Y N 235 
PHE CD1 HD1  sing N N 236 
PHE CD2 CE2  doub Y N 237 
PHE CD2 HD2  sing N N 238 
PHE CE1 CZ   doub Y N 239 
PHE CE1 HE1  sing N N 240 
PHE CE2 CZ   sing Y N 241 
PHE CE2 HE2  sing N N 242 
PHE CZ  HZ   sing N N 243 
PHE OXT HXT  sing N N 244 
PRO N   CA   sing N N 245 
PRO N   CD   sing N N 246 
PRO N   H    sing N N 247 
PRO CA  C    sing N N 248 
PRO CA  CB   sing N N 249 
PRO CA  HA   sing N N 250 
PRO C   O    doub N N 251 
PRO C   OXT  sing N N 252 
PRO CB  CG   sing N N 253 
PRO CB  HB2  sing N N 254 
PRO CB  HB3  sing N N 255 
PRO CG  CD   sing N N 256 
PRO CG  HG2  sing N N 257 
PRO CG  HG3  sing N N 258 
PRO CD  HD2  sing N N 259 
PRO CD  HD3  sing N N 260 
PRO OXT HXT  sing N N 261 
SER N   CA   sing N N 262 
SER N   H    sing N N 263 
SER N   H2   sing N N 264 
SER CA  C    sing N N 265 
SER CA  CB   sing N N 266 
SER CA  HA   sing N N 267 
SER C   O    doub N N 268 
SER C   OXT  sing N N 269 
SER CB  OG   sing N N 270 
SER CB  HB2  sing N N 271 
SER CB  HB3  sing N N 272 
SER OG  HG   sing N N 273 
SER OXT HXT  sing N N 274 
THR N   CA   sing N N 275 
THR N   H    sing N N 276 
THR N   H2   sing N N 277 
THR CA  C    sing N N 278 
THR CA  CB   sing N N 279 
THR CA  HA   sing N N 280 
THR C   O    doub N N 281 
THR C   OXT  sing N N 282 
THR CB  OG1  sing N N 283 
THR CB  CG2  sing N N 284 
THR CB  HB   sing N N 285 
THR OG1 HG1  sing N N 286 
THR CG2 HG21 sing N N 287 
THR CG2 HG22 sing N N 288 
THR CG2 HG23 sing N N 289 
THR OXT HXT  sing N N 290 
TYR N   CA   sing N N 291 
TYR N   H    sing N N 292 
TYR N   H2   sing N N 293 
TYR CA  C    sing N N 294 
TYR CA  CB   sing N N 295 
TYR CA  HA   sing N N 296 
TYR C   O    doub N N 297 
TYR C   OXT  sing N N 298 
TYR CB  CG   sing N N 299 
TYR CB  HB2  sing N N 300 
TYR CB  HB3  sing N N 301 
TYR CG  CD1  doub Y N 302 
TYR CG  CD2  sing Y N 303 
TYR CD1 CE1  sing Y N 304 
TYR CD1 HD1  sing N N 305 
TYR CD2 CE2  doub Y N 306 
TYR CD2 HD2  sing N N 307 
TYR CE1 CZ   doub Y N 308 
TYR CE1 HE1  sing N N 309 
TYR CE2 CZ   sing Y N 310 
TYR CE2 HE2  sing N N 311 
TYR CZ  OH   sing N N 312 
TYR OH  HH   sing N N 313 
TYR OXT HXT  sing N N 314 
VAL N   CA   sing N N 315 
VAL N   H    sing N N 316 
VAL N   H2   sing N N 317 
VAL CA  C    sing N N 318 
VAL CA  CB   sing N N 319 
VAL CA  HA   sing N N 320 
VAL C   O    doub N N 321 
VAL C   OXT  sing N N 322 
VAL CB  CG1  sing N N 323 
VAL CB  CG2  sing N N 324 
VAL CB  HB   sing N N 325 
VAL CG1 HG11 sing N N 326 
VAL CG1 HG12 sing N N 327 
VAL CG1 HG13 sing N N 328 
VAL CG2 HG21 sing N N 329 
VAL CG2 HG22 sing N N 330 
VAL CG2 HG23 sing N N 331 
VAL OXT HXT  sing N N 332 
# 
_atom_sites.entry_id                    4FXC 
_atom_sites.fract_transf_matrix[1][1]   0.01558653 
_atom_sites.fract_transf_matrix[1][2]   -0.00035448 
_atom_sites.fract_transf_matrix[1][3]   -0.00379586 
_atom_sites.fract_transf_matrix[2][1]   0.00230284 
_atom_sites.fract_transf_matrix[2][2]   0.03443860 
_atom_sites.fract_transf_matrix[2][3]   0.00623984 
_atom_sites.fract_transf_matrix[3][1]   0.00211259 
_atom_sites.fract_transf_matrix[3][2]   -0.00174250 
_atom_sites.fract_transf_matrix[3][3]   0.00883743 
_atom_sites.fract_transf_vector[1]      0.324385 
_atom_sites.fract_transf_vector[2]      -0.239179 
_atom_sites.fract_transf_vector[3]      0.358563 
# 
loop_
_atom_type.symbol 
C  
FE 
N  
O  
S  
# 
loop_
_atom_site.group_PDB 
_atom_site.id 
_atom_site.type_symbol 
_atom_site.label_atom_id 
_atom_site.label_alt_id 
_atom_site.label_comp_id 
_atom_site.label_asym_id 
_atom_site.label_entity_id 
_atom_site.label_seq_id 
_atom_site.pdbx_PDB_ins_code 
_atom_site.Cartn_x 
_atom_site.Cartn_y 
_atom_site.Cartn_z 
_atom_site.occupancy 
_atom_site.B_iso_or_equiv 
_atom_site.pdbx_formal_charge 
_atom_site.auth_seq_id 
_atom_site.auth_comp_id 
_atom_site.auth_asym_id 
_atom_site.auth_atom_id 
_atom_site.pdbx_PDB_model_num 
ATOM   1   N  N   . ALA A 1 1  ? 11.875  -6.479  12.601  1.00 38.87 ? 1   ALA A N   1 
ATOM   2   C  CA  . ALA A 1 1  ? 11.042  -6.542  11.426  1.00 36.45 ? 1   ALA A CA  1 
ATOM   3   C  C   . ALA A 1 1  ? 9.875   -7.416  11.887  1.00 32.02 ? 1   ALA A C   1 
ATOM   4   O  O   . ALA A 1 1  ? 9.926   -7.930  13.016  1.00 33.14 ? 1   ALA A O   1 
ATOM   5   C  CB  . ALA A 1 1  ? 11.804  -7.208  10.277  1.00 37.10 ? 1   ALA A CB  1 
ATOM   6   N  N   . THR A 1 2  ? 8.809   -7.558  11.157  1.00 26.09 ? 2   THR A N   1 
ATOM   7   C  CA  . THR A 1 2  ? 7.760   -8.399  11.663  1.00 27.93 ? 2   THR A CA  1 
ATOM   8   C  C   . THR A 1 2  ? 7.184   -8.862  10.347  1.00 28.49 ? 2   THR A C   1 
ATOM   9   O  O   . THR A 1 2  ? 7.624   -9.925  9.919   1.00 32.81 ? 2   THR A O   1 
ATOM   10  C  CB  . THR A 1 2  ? 6.724   -7.581  12.533  1.00 30.65 ? 2   THR A CB  1 
ATOM   11  O  OG1 . THR A 1 2  ? 7.452   -6.711  13.395  1.00 24.38 ? 2   THR A OG1 1 
ATOM   12  C  CG2 . THR A 1 2  ? 5.862   -8.466  13.448  1.00 30.06 ? 2   THR A CG2 1 
ATOM   13  N  N   . TYR A 1 3  ? 6.416   -8.077  9.575   1.00 26.05 ? 3   TYR A N   1 
ATOM   14  C  CA  . TYR A 1 3  ? 5.702   -8.600  8.427   1.00 28.11 ? 3   TYR A CA  1 
ATOM   15  C  C   . TYR A 1 3  ? 6.379   -8.738  7.057   1.00 31.52 ? 3   TYR A C   1 
ATOM   16  O  O   . TYR A 1 3  ? 7.190   -7.897  6.659   1.00 28.77 ? 3   TYR A O   1 
ATOM   17  C  CB  . TYR A 1 3  ? 4.386   -7.769  8.308   1.00 25.23 ? 3   TYR A CB  1 
ATOM   18  C  CG  . TYR A 1 3  ? 3.571   -7.867  9.576   1.00 28.39 ? 3   TYR A CG  1 
ATOM   19  C  CD1 . TYR A 1 3  ? 3.435   -9.124  10.130  1.00 32.32 ? 3   TYR A CD1 1 
ATOM   20  C  CD2 . TYR A 1 3  ? 3.048   -6.753  10.227  1.00 33.28 ? 3   TYR A CD2 1 
ATOM   21  C  CE1 . TYR A 1 3  ? 2.810   -9.312  11.330  1.00 35.64 ? 3   TYR A CE1 1 
ATOM   22  C  CE2 . TYR A 1 3  ? 2.399   -6.928  11.446  1.00 33.70 ? 3   TYR A CE2 1 
ATOM   23  C  CZ  . TYR A 1 3  ? 2.292   -8.218  11.980  1.00 37.74 ? 3   TYR A CZ  1 
ATOM   24  O  OH  . TYR A 1 3  ? 1.658   -8.506  13.183  1.00 39.43 ? 3   TYR A OH  1 
ATOM   25  N  N   . LYS A 1 4  ? 6.115   -9.855  6.345   1.00 33.61 ? 4   LYS A N   1 
ATOM   26  C  CA  . LYS A 1 4  ? 6.586   -10.065 4.957   1.00 31.73 ? 4   LYS A CA  1 
ATOM   27  C  C   . LYS A 1 4  ? 5.401   -9.545  4.144   1.00 30.88 ? 4   LYS A C   1 
ATOM   28  O  O   . LYS A 1 4  ? 4.326   -10.149 4.222   1.00 33.67 ? 4   LYS A O   1 
ATOM   29  C  CB  . LYS A 1 4  ? 6.770   -11.531 4.593   1.00 27.98 ? 4   LYS A CB  1 
ATOM   30  C  CG  . LYS A 1 4  ? 7.475   -12.359 5.657   1.00 31.71 ? 4   LYS A CG  1 
ATOM   31  C  CD  . LYS A 1 4  ? 8.853   -11.769 5.979   1.00 34.90 ? 4   LYS A CD  1 
ATOM   32  C  CE  . LYS A 1 4  ? 9.922   -12.860 5.948   1.00 36.69 ? 4   LYS A CE  1 
ATOM   33  N  NZ  . LYS A 1 4  ? 9.949   -13.536 4.657   1.00 36.27 ? 4   LYS A NZ  1 
ATOM   34  N  N   . VAL A 1 5  ? 5.467   -8.408  3.465   1.00 29.78 ? 5   VAL A N   1 
ATOM   35  C  CA  . VAL A 1 5  ? 4.366   -7.880  2.664   1.00 29.00 ? 5   VAL A CA  1 
ATOM   36  C  C   . VAL A 1 5  ? 4.851   -8.056  1.211   1.00 26.63 ? 5   VAL A C   1 
ATOM   37  O  O   . VAL A 1 5  ? 5.958   -7.630  0.905   1.00 24.81 ? 5   VAL A O   1 
ATOM   38  C  CB  . VAL A 1 5  ? 4.108   -6.368  3.124   1.00 29.10 ? 5   VAL A CB  1 
ATOM   39  C  CG1 . VAL A 1 5  ? 5.379   -5.530  3.234   1.00 26.24 ? 5   VAL A CG1 1 
ATOM   40  C  CG2 . VAL A 1 5  ? 3.249   -5.674  2.073   1.00 29.54 ? 5   VAL A CG2 1 
ATOM   41  N  N   . THR A 1 6  ? 4.176   -8.759  0.303   1.00 27.29 ? 6   THR A N   1 
ATOM   42  C  CA  . THR A 1 6  ? 4.614   -8.958  -1.097  1.00 27.18 ? 6   THR A CA  1 
ATOM   43  C  C   . THR A 1 6  ? 3.937   -7.820  -1.875  1.00 27.75 ? 6   THR A C   1 
ATOM   44  O  O   . THR A 1 6  ? 2.793   -7.413  -1.544  1.00 28.36 ? 6   THR A O   1 
ATOM   45  C  CB  . THR A 1 6  ? 4.153   -10.402 -1.604  1.00 27.44 ? 6   THR A CB  1 
ATOM   46  O  OG1 . THR A 1 6  ? 4.766   -11.375 -0.744  1.00 27.99 ? 6   THR A OG1 1 
ATOM   47  C  CG2 . THR A 1 6  ? 4.524   -10.701 -3.051  1.00 26.03 ? 6   THR A CG2 1 
ATOM   48  N  N   . LEU A 1 7  ? 4.611   -7.268  -2.901  1.00 27.18 ? 7   LEU A N   1 
ATOM   49  C  CA  . LEU A 1 7  ? 4.104   -6.120  -3.683  1.00 24.46 ? 7   LEU A CA  1 
ATOM   50  C  C   . LEU A 1 7  ? 4.184   -6.443  -5.170  1.00 25.54 ? 7   LEU A C   1 
ATOM   51  O  O   . LEU A 1 7  ? 5.302   -6.590  -5.672  1.00 22.16 ? 7   LEU A O   1 
ATOM   52  C  CB  . LEU A 1 7  ? 4.946   -4.870  -3.441  1.00 20.26 ? 7   LEU A CB  1 
ATOM   53  C  CG  . LEU A 1 7  ? 5.020   -4.260  -2.077  1.00 16.15 ? 7   LEU A CG  1 
ATOM   54  C  CD1 . LEU A 1 7  ? 5.558   -2.870  -2.205  1.00 10.36 ? 7   LEU A CD1 1 
ATOM   55  C  CD2 . LEU A 1 7  ? 3.659   -4.172  -1.491  1.00 12.62 ? 7   LEU A CD2 1 
ATOM   56  N  N   . ILE A 1 8  ? 3.073   -6.476  -5.917  1.00 26.34 ? 8   ILE A N   1 
ATOM   57  C  CA  . ILE A 1 8  ? 3.087   -6.908  -7.309  1.00 30.91 ? 8   ILE A CA  1 
ATOM   58  C  C   . ILE A 1 8  ? 2.226   -6.109  -8.243  1.00 30.06 ? 8   ILE A C   1 
ATOM   59  O  O   . ILE A 1 8  ? 1.127   -5.670  -7.885  1.00 32.57 ? 8   ILE A O   1 
ATOM   60  C  CB  . ILE A 1 8  ? 2.548   -8.330  -7.548  1.00 35.82 ? 8   ILE A CB  1 
ATOM   61  C  CG1 . ILE A 1 8  ? 2.764   -9.293  -6.384  1.00 34.38 ? 8   ILE A CG1 1 
ATOM   62  C  CG2 . ILE A 1 8  ? 3.264   -8.813  -8.824  1.00 39.12 ? 8   ILE A CG2 1 
ATOM   63  C  CD1 . ILE A 1 8  ? 1.993   -10.583 -6.586  1.00 35.78 ? 8   ILE A CD1 1 
ATOM   64  N  N   . ASN A 1 9  ? 2.737   -5.850  -9.420  1.00 26.38 ? 9   ASN A N   1 
ATOM   65  C  CA  . ASN A 1 9  ? 1.857   -5.261  -10.406 1.00 27.54 ? 9   ASN A CA  1 
ATOM   66  C  C   . ASN A 1 9  ? 2.607   -5.857  -11.552 1.00 26.15 ? 9   ASN A C   1 
ATOM   67  O  O   . ASN A 1 9  ? 3.398   -5.167  -12.205 1.00 18.51 ? 9   ASN A O   1 
ATOM   68  C  CB  . ASN A 1 9  ? 1.892   -3.715  -10.491 1.00 29.28 ? 9   ASN A CB  1 
ATOM   69  C  CG  . ASN A 1 9  ? 0.695   -3.176  -11.283 1.00 27.74 ? 9   ASN A CG  1 
ATOM   70  O  OD1 . ASN A 1 9  ? -0.413  -3.096  -10.757 1.00 27.39 ? 9   ASN A OD1 1 
ATOM   71  N  ND2 . ASN A 1 9  ? 0.783   -2.764  -12.539 1.00 28.07 ? 9   ASN A ND2 1 
ATOM   72  N  N   . GLU A 1 10 ? 2.320   -7.159  -11.765 1.00 26.08 ? 10  GLU A N   1 
ATOM   73  C  CA  . GLU A 1 10 ? 3.014   -7.974  -12.740 1.00 29.72 ? 10  GLU A CA  1 
ATOM   74  C  C   . GLU A 1 10 ? 3.360   -7.222  -13.981 1.00 29.02 ? 10  GLU A C   1 
ATOM   75  O  O   . GLU A 1 10 ? 4.486   -7.326  -14.462 1.00 32.58 ? 10  GLU A O   1 
ATOM   76  C  CB  . GLU A 1 10 ? 2.203   -9.215  -13.112 1.00 34.06 ? 10  GLU A CB  1 
ATOM   77  C  CG  . GLU A 1 10 ? 2.326   -10.293 -12.016 1.00 39.19 ? 10  GLU A CG  1 
ATOM   78  C  CD  . GLU A 1 10 ? 1.648   -11.658 -12.213 1.00 42.52 ? 10  GLU A CD  1 
ATOM   79  O  OE1 . GLU A 1 10 ? 0.590   -11.753 -12.850 1.00 41.54 ? 10  GLU A OE1 1 
ATOM   80  O  OE2 . GLU A 1 10 ? 2.182   -12.637 -11.685 1.00 42.81 ? 10  GLU A OE2 1 
ATOM   81  N  N   . ALA A 1 11 ? 2.465   -6.367  -14.426 1.00 28.16 ? 11  ALA A N   1 
ATOM   82  C  CA  . ALA A 1 11 ? 2.798   -5.562  -15.560 1.00 33.65 ? 11  ALA A CA  1 
ATOM   83  C  C   . ALA A 1 11 ? 3.165   -4.170  -15.048 1.00 35.17 ? 11  ALA A C   1 
ATOM   84  O  O   . ALA A 1 11 ? 2.345   -3.261  -14.958 1.00 40.02 ? 11  ALA A O   1 
ATOM   85  C  CB  . ALA A 1 11 ? 1.603   -5.512  -16.502 1.00 37.38 ? 11  ALA A CB  1 
ATOM   86  N  N   . GLU A 1 12 ? 4.438   -4.072  -14.656 1.00 33.84 ? 12  GLU A N   1 
ATOM   87  C  CA  . GLU A 1 12 ? 5.151   -2.916  -14.114 1.00 28.93 ? 12  GLU A CA  1 
ATOM   88  C  C   . GLU A 1 12 ? 6.502   -3.463  -13.565 1.00 29.69 ? 12  GLU A C   1 
ATOM   89  O  O   . GLU A 1 12 ? 7.420   -2.724  -13.160 1.00 27.91 ? 12  GLU A O   1 
ATOM   90  C  CB  . GLU A 1 12 ? 4.342   -2.284  -12.989 1.00 27.82 ? 12  GLU A CB  1 
ATOM   91  C  CG  . GLU A 1 12 ? 4.029   -0.798  -13.056 1.00 26.85 ? 12  GLU A CG  1 
ATOM   92  C  CD  . GLU A 1 12 ? 3.236   -0.320  -14.255 1.00 28.78 ? 12  GLU A CD  1 
ATOM   93  O  OE1 . GLU A 1 12 ? 2.025   -0.573  -14.345 1.00 29.07 ? 12  GLU A OE1 1 
ATOM   94  O  OE2 . GLU A 1 12 ? 3.871   0.332   -15.085 1.00 27.56 ? 12  GLU A OE2 1 
ATOM   95  N  N   . GLY A 1 13 ? 6.684   -4.804  -13.516 1.00 25.02 ? 13  GLY A N   1 
ATOM   96  C  CA  . GLY A 1 13 ? 7.917   -5.415  -13.084 1.00 24.50 ? 13  GLY A CA  1 
ATOM   97  C  C   . GLY A 1 13 ? 7.961   -5.728  -11.590 1.00 25.26 ? 13  GLY A C   1 
ATOM   98  O  O   . GLY A 1 13 ? 8.340   -6.841  -11.219 1.00 24.30 ? 13  GLY A O   1 
ATOM   99  N  N   . ILE A 1 14 ? 7.610   -4.772  -10.732 1.00 24.52 ? 14  ILE A N   1 
ATOM   100 C  CA  . ILE A 1 14 ? 7.603   -4.904  -9.281  1.00 28.90 ? 14  ILE A CA  1 
ATOM   101 C  C   . ILE A 1 14 ? 7.107   -6.278  -8.783  1.00 34.80 ? 14  ILE A C   1 
ATOM   102 O  O   . ILE A 1 14 ? 5.876   -6.528  -8.872  1.00 41.81 ? 14  ILE A O   1 
ATOM   103 C  CB  . ILE A 1 14 ? 6.711   -3.732  -8.759  1.00 26.39 ? 14  ILE A CB  1 
ATOM   104 C  CG1 . ILE A 1 14 ? 7.488   -2.458  -8.706  1.00 23.45 ? 14  ILE A CG1 1 
ATOM   105 C  CG2 . ILE A 1 14 ? 6.229   -3.981  -7.355  1.00 25.72 ? 14  ILE A CG2 1 
ATOM   106 C  CD1 . ILE A 1 14 ? 7.917   -1.826  -10.042 1.00 28.89 ? 14  ILE A CD1 1 
ATOM   107 N  N   . ASN A 1 15 ? 7.959   -7.217  -8.330  1.00 31.48 ? 15  ASN A N   1 
ATOM   108 C  CA  . ASN A 1 15 ? 7.388   -8.475  -7.806  1.00 29.27 ? 15  ASN A CA  1 
ATOM   109 C  C   . ASN A 1 15 ? 8.260   -9.085  -6.746  1.00 29.53 ? 15  ASN A C   1 
ATOM   110 O  O   . ASN A 1 15 ? 8.635   -10.255 -6.759  1.00 26.18 ? 15  ASN A O   1 
ATOM   111 C  CB  . ASN A 1 15 ? 7.209   -9.541  -8.866  1.00 27.06 ? 15  ASN A CB  1 
ATOM   112 C  CG  . ASN A 1 15 ? 6.380   -10.677 -8.329  1.00 21.53 ? 15  ASN A CG  1 
ATOM   113 O  OD1 . ASN A 1 15 ? 5.612   -10.558 -7.389  1.00 26.73 ? 15  ASN A OD1 1 
ATOM   114 N  ND2 . ASN A 1 15 ? 6.501   -11.841 -8.898  1.00 25.24 ? 15  ASN A ND2 1 
ATOM   115 N  N   . GLU A 1 16 ? 8.587   -8.150  -5.865  1.00 33.62 ? 16  GLU A N   1 
ATOM   116 C  CA  . GLU A 1 16 ? 9.470   -8.274  -4.719  1.00 36.14 ? 16  GLU A CA  1 
ATOM   117 C  C   . GLU A 1 16 ? 8.765   -8.759  -3.445  1.00 33.15 ? 16  GLU A C   1 
ATOM   118 O  O   . GLU A 1 16 ? 7.538   -8.813  -3.475  1.00 31.44 ? 16  GLU A O   1 
ATOM   119 C  CB  . GLU A 1 16 ? 10.072  -6.887  -4.569  1.00 39.80 ? 16  GLU A CB  1 
ATOM   120 C  CG  . GLU A 1 16 ? 11.403  -6.767  -3.838  1.00 42.71 ? 16  GLU A CG  1 
ATOM   121 C  CD  . GLU A 1 16 ? 12.549  -6.230  -4.708  1.00 45.43 ? 16  GLU A CD  1 
ATOM   122 O  OE1 . GLU A 1 16 ? 12.364  -6.063  -5.933  1.00 47.53 ? 16  GLU A OE1 1 
ATOM   123 O  OE2 . GLU A 1 16 ? 13.632  -5.987  -4.146  1.00 41.30 ? 16  GLU A OE2 1 
ATOM   124 N  N   . THR A 1 17 ? 9.421   -9.095  -2.324  1.00 30.76 ? 17  THR A N   1 
ATOM   125 C  CA  . THR A 1 17 ? 8.719   -9.487  -1.100  1.00 29.01 ? 17  THR A CA  1 
ATOM   126 C  C   . THR A 1 17 ? 9.537   -8.857  -0.007  1.00 27.47 ? 17  THR A C   1 
ATOM   127 O  O   . THR A 1 17 ? 10.682  -9.214  0.247   1.00 24.75 ? 17  THR A O   1 
ATOM   128 C  CB  . THR A 1 17 ? 8.714   -10.966 -0.928  1.00 31.46 ? 17  THR A CB  1 
ATOM   129 O  OG1 . THR A 1 17 ? 8.344   -11.516 -2.192  1.00 37.45 ? 17  THR A OG1 1 
ATOM   130 C  CG2 . THR A 1 17 ? 7.771   -11.387 0.162   1.00 28.80 ? 17  THR A CG2 1 
ATOM   131 N  N   . ILE A 1 18 ? 8.923   -7.911  0.656   1.00 26.29 ? 18  ILE A N   1 
ATOM   132 C  CA  . ILE A 1 18 ? 9.645   -7.090  1.571   1.00 28.59 ? 18  ILE A CA  1 
ATOM   133 C  C   . ILE A 1 18 ? 9.273   -7.280  3.033   1.00 31.19 ? 18  ILE A C   1 
ATOM   134 O  O   . ILE A 1 18 ? 8.148   -7.730  3.331   1.00 29.19 ? 18  ILE A O   1 
ATOM   135 C  CB  . ILE A 1 18 ? 9.414   -5.690  0.886   1.00 27.41 ? 18  ILE A CB  1 
ATOM   136 C  CG1 . ILE A 1 18 ? 10.775  -5.089  0.870   1.00 34.07 ? 18  ILE A CG1 1 
ATOM   137 C  CG2 . ILE A 1 18 ? 8.439   -4.740  1.531   1.00 26.51 ? 18  ILE A CG2 1 
ATOM   138 C  CD1 . ILE A 1 18 ? 11.711  -5.836  -0.124  1.00 37.18 ? 18  ILE A CD1 1 
ATOM   139 N  N   . ASP A 1 19 ? 10.253  -7.057  3.933   1.00 31.23 ? 19  ASP A N   1 
ATOM   140 C  CA  . ASP A 1 19 ? 9.948   -7.194  5.354   1.00 33.65 ? 19  ASP A CA  1 
ATOM   141 C  C   . ASP A 1 19 ? 9.544   -5.790  5.814   1.00 34.76 ? 19  ASP A C   1 
ATOM   142 O  O   . ASP A 1 19 ? 10.149  -4.785  5.415   1.00 33.71 ? 19  ASP A O   1 
ATOM   143 C  CB  . ASP A 1 19 ? 11.166  -7.677  6.178   1.00 31.06 ? 19  ASP A CB  1 
ATOM   144 C  CG  . ASP A 1 19 ? 11.387  -9.196  6.240   1.00 28.13 ? 19  ASP A CG  1 
ATOM   145 O  OD1 . ASP A 1 19 ? 11.368  -9.863  5.211   1.00 27.57 ? 19  ASP A OD1 1 
ATOM   146 O  OD2 . ASP A 1 19 ? 11.617  -9.726  7.323   1.00 25.43 ? 19  ASP A OD2 1 
ATOM   147 N  N   . CYS A 1 20 ? 8.513   -5.705  6.629   1.00 32.47 ? 20  CYS A N   1 
ATOM   148 C  CA  . CYS A 1 20 ? 7.992   -4.459  7.123   1.00 34.78 ? 20  CYS A CA  1 
ATOM   149 C  C   . CYS A 1 20 ? 7.706   -4.780  8.572   1.00 36.89 ? 20  CYS A C   1 
ATOM   150 O  O   . CYS A 1 20 ? 7.919   -5.920  9.032   1.00 38.68 ? 20  CYS A O   1 
ATOM   151 C  CB  . CYS A 1 20 ? 6.711   -4.062  6.422   1.00 32.92 ? 20  CYS A CB  1 
ATOM   152 S  SG  . CYS A 1 20 ? 6.388   -2.270  6.590   1.00 33.45 ? 20  CYS A SG  1 
ATOM   153 N  N   . ASP A 1 21 ? 7.344   -3.775  9.374   1.00 37.91 ? 21  ASP A N   1 
ATOM   154 C  CA  . ASP A 1 21 ? 7.087   -3.976  10.801  1.00 38.64 ? 21  ASP A CA  1 
ATOM   155 C  C   . ASP A 1 21 ? 5.713   -3.390  11.094  1.00 42.29 ? 21  ASP A C   1 
ATOM   156 O  O   . ASP A 1 21 ? 5.142   -2.761  10.190  1.00 43.15 ? 21  ASP A O   1 
ATOM   157 C  CB  . ASP A 1 21 ? 8.106   -3.232  11.641  1.00 34.21 ? 21  ASP A CB  1 
ATOM   158 C  CG  . ASP A 1 21 ? 9.585   -3.293  11.273  1.00 33.92 ? 21  ASP A CG  1 
ATOM   159 O  OD1 . ASP A 1 21 ? 10.004  -3.872  10.266  1.00 35.34 ? 21  ASP A OD1 1 
ATOM   160 O  OD2 . ASP A 1 21 ? 10.351  -2.722  12.030  1.00 32.57 ? 21  ASP A OD2 1 
ATOM   161 N  N   . ASP A 1 22 ? 5.088   -3.502  12.275  1.00 44.16 ? 22  ASP A N   1 
ATOM   162 C  CA  . ASP A 1 22 ? 3.816   -2.809  12.432  1.00 46.47 ? 22  ASP A CA  1 
ATOM   163 C  C   . ASP A 1 22 ? 4.121   -1.392  12.957  1.00 44.53 ? 22  ASP A C   1 
ATOM   164 O  O   . ASP A 1 22 ? 3.725   -0.982  14.047  1.00 44.61 ? 22  ASP A O   1 
ATOM   165 C  CB  . ASP A 1 22 ? 2.927   -3.614  13.384  1.00 50.31 ? 22  ASP A CB  1 
ATOM   166 C  CG  . ASP A 1 22 ? 1.521   -3.008  13.599  1.00 55.87 ? 22  ASP A CG  1 
ATOM   167 O  OD1 . ASP A 1 22 ? 0.808   -2.640  12.636  1.00 51.64 ? 22  ASP A OD1 1 
ATOM   168 O  OD2 . ASP A 1 22 ? 1.167   -2.896  14.784  1.00 57.49 ? 22  ASP A OD2 1 
ATOM   169 N  N   . ASP A 1 23 ? 4.936   -0.658  12.187  1.00 43.01 ? 23  ASP A N   1 
ATOM   170 C  CA  . ASP A 1 23 ? 5.362   0.705   12.462  1.00 40.93 ? 23  ASP A CA  1 
ATOM   171 C  C   . ASP A 1 23 ? 6.170   1.288   11.304  1.00 38.31 ? 23  ASP A C   1 
ATOM   172 O  O   . ASP A 1 23 ? 6.805   2.322   11.443  1.00 37.08 ? 23  ASP A O   1 
ATOM   173 C  CB  . ASP A 1 23 ? 6.178   0.802   13.786  1.00 40.77 ? 23  ASP A CB  1 
ATOM   174 C  CG  . ASP A 1 23 ? 7.695   0.658   13.914  1.00 44.66 ? 23  ASP A CG  1 
ATOM   175 O  OD1 . ASP A 1 23 ? 8.373   0.164   12.999  1.00 42.96 ? 23  ASP A OD1 1 
ATOM   176 O  OD2 . ASP A 1 23 ? 8.186   1.051   14.988  1.00 44.55 ? 23  ASP A OD2 1 
ATOM   177 N  N   . THR A 1 24 ? 6.151   0.695   10.121  1.00 37.46 ? 24  THR A N   1 
ATOM   178 C  CA  . THR A 1 24 ? 6.850   1.232   8.963   1.00 36.38 ? 24  THR A CA  1 
ATOM   179 C  C   . THR A 1 24 ? 5.703   1.416   7.980   1.00 35.12 ? 24  THR A C   1 
ATOM   180 O  O   . THR A 1 24 ? 4.881   0.505   7.789   1.00 35.62 ? 24  THR A O   1 
ATOM   181 C  CB  . THR A 1 24 ? 7.875   0.236   8.363   1.00 34.34 ? 24  THR A CB  1 
ATOM   182 O  OG1 . THR A 1 24 ? 8.704   -0.277  9.423   1.00 35.40 ? 24  THR A OG1 1 
ATOM   183 C  CG2 . THR A 1 24 ? 8.709   0.907   7.320   1.00 28.68 ? 24  THR A CG2 1 
ATOM   184 N  N   . TYR A 1 25 ? 5.551   2.618   7.420   1.00 32.56 ? 25  TYR A N   1 
ATOM   185 C  CA  . TYR A 1 25 ? 4.495   2.850   6.435   1.00 29.82 ? 25  TYR A CA  1 
ATOM   186 C  C   . TYR A 1 25 ? 4.886   2.005   5.233   1.00 27.83 ? 25  TYR A C   1 
ATOM   187 O  O   . TYR A 1 25 ? 6.026   2.172   4.785   1.00 31.54 ? 25  TYR A O   1 
ATOM   188 C  CB  . TYR A 1 25 ? 4.447   4.368   6.155   1.00 27.22 ? 25  TYR A CB  1 
ATOM   189 C  CG  . TYR A 1 25 ? 3.578   5.190   7.134   1.00 28.69 ? 25  TYR A CG  1 
ATOM   190 C  CD1 . TYR A 1 25 ? 2.422   4.641   7.668   1.00 24.61 ? 25  TYR A CD1 1 
ATOM   191 C  CD2 . TYR A 1 25 ? 3.911   6.497   7.476   1.00 28.88 ? 25  TYR A CD2 1 
ATOM   192 C  CE1 . TYR A 1 25 ? 1.621   5.367   8.506   1.00 26.36 ? 25  TYR A CE1 1 
ATOM   193 C  CE2 . TYR A 1 25 ? 3.095   7.239   8.331   1.00 27.55 ? 25  TYR A CE2 1 
ATOM   194 C  CZ  . TYR A 1 25 ? 1.954   6.659   8.831   1.00 27.76 ? 25  TYR A CZ  1 
ATOM   195 O  OH  . TYR A 1 25 ? 1.108   7.370   9.647   1.00 24.20 ? 25  TYR A OH  1 
ATOM   196 N  N   . ILE A 1 26 ? 4.098   1.067   4.700   1.00 24.13 ? 26  ILE A N   1 
ATOM   197 C  CA  . ILE A 1 26 ? 4.504   0.219   3.579   1.00 21.81 ? 26  ILE A CA  1 
ATOM   198 C  C   . ILE A 1 26 ? 5.274   0.965   2.521   1.00 20.69 ? 26  ILE A C   1 
ATOM   199 O  O   . ILE A 1 26 ? 6.309   0.480   2.079   1.00 19.35 ? 26  ILE A O   1 
ATOM   200 C  CB  . ILE A 1 26 ? 3.279   -0.451  2.915   1.00 21.99 ? 26  ILE A CB  1 
ATOM   201 C  CG1 . ILE A 1 26 ? 2.745   -1.449  3.905   1.00 23.84 ? 26  ILE A CG1 1 
ATOM   202 C  CG2 . ILE A 1 26 ? 3.616   -1.219  1.639   1.00 22.94 ? 26  ILE A CG2 1 
ATOM   203 C  CD1 . ILE A 1 26 ? 1.549   -2.240  3.389   1.00 26.21 ? 26  ILE A CD1 1 
ATOM   204 N  N   . LEU A 1 27 ? 4.886   2.193   2.217   1.00 20.34 ? 27  LEU A N   1 
ATOM   205 C  CA  . LEU A 1 27 ? 5.576   2.952   1.196   1.00 23.41 ? 27  LEU A CA  1 
ATOM   206 C  C   . LEU A 1 27 ? 7.041   3.035   1.529   1.00 26.63 ? 27  LEU A C   1 
ATOM   207 O  O   . LEU A 1 27 ? 7.820   2.620   0.658   1.00 28.05 ? 27  LEU A O   1 
ATOM   208 C  CB  . LEU A 1 27 ? 5.059   4.365   1.080   1.00 25.01 ? 27  LEU A CB  1 
ATOM   209 C  CG  . LEU A 1 27 ? 5.450   5.070   -0.189  1.00 24.38 ? 27  LEU A CG  1 
ATOM   210 C  CD1 . LEU A 1 27 ? 4.558   4.682   -1.358  1.00 28.81 ? 27  LEU A CD1 1 
ATOM   211 C  CD2 . LEU A 1 27 ? 5.177   6.529   -0.024  1.00 31.29 ? 27  LEU A CD2 1 
ATOM   212 N  N   . ASP A 1 28 ? 7.410   3.415   2.775   1.00 22.36 ? 28  ASP A N   1 
ATOM   213 C  CA  . ASP A 1 28 ? 8.805   3.523   3.163   1.00 23.04 ? 28  ASP A CA  1 
ATOM   214 C  C   . ASP A 1 28 ? 9.476   2.170   3.207   1.00 26.17 ? 28  ASP A C   1 
ATOM   215 O  O   . ASP A 1 28 ? 10.643  2.003   2.823   1.00 27.04 ? 28  ASP A O   1 
ATOM   216 C  CB  . ASP A 1 28 ? 9.026   4.101   4.546   1.00 28.24 ? 28  ASP A CB  1 
ATOM   217 C  CG  . ASP A 1 28 ? 8.375   5.442   4.729   1.00 32.97 ? 28  ASP A CG  1 
ATOM   218 O  OD1 . ASP A 1 28 ? 7.155   5.461   4.805   1.00 36.52 ? 28  ASP A OD1 1 
ATOM   219 O  OD2 . ASP A 1 28 ? 9.067   6.457   4.783   1.00 38.75 ? 28  ASP A OD2 1 
ATOM   220 N  N   . ALA A 1 29 ? 8.739   1.163   3.650   1.00 25.41 ? 29  ALA A N   1 
ATOM   221 C  CA  . ALA A 1 29 ? 9.341   -0.135  3.741   1.00 28.17 ? 29  ALA A CA  1 
ATOM   222 C  C   . ALA A 1 29 ? 9.778   -0.609  2.365   1.00 29.94 ? 29  ALA A C   1 
ATOM   223 O  O   . ALA A 1 29 ? 10.851  -1.197  2.212   1.00 31.92 ? 29  ALA A O   1 
ATOM   224 C  CB  . ALA A 1 29 ? 8.334   -1.046  4.317   1.00 30.37 ? 29  ALA A CB  1 
ATOM   225 N  N   . ALA A 1 30 ? 9.023   -0.203  1.343   1.00 32.19 ? 30  ALA A N   1 
ATOM   226 C  CA  . ALA A 1 30 ? 9.296   -0.522  -0.077  1.00 34.82 ? 30  ALA A CA  1 
ATOM   227 C  C   . ALA A 1 30 ? 10.426  0.290   -0.766  1.00 32.76 ? 30  ALA A C   1 
ATOM   228 O  O   . ALA A 1 30 ? 11.147  -0.187  -1.649  1.00 28.54 ? 30  ALA A O   1 
ATOM   229 C  CB  . ALA A 1 30 ? 7.983   -0.330  -0.838  1.00 33.70 ? 30  ALA A CB  1 
ATOM   230 N  N   . GLU A 1 31 ? 10.582  1.540   -0.316  1.00 32.53 ? 31  GLU A N   1 
ATOM   231 C  CA  . GLU A 1 31 ? 11.612  2.437   -0.779  1.00 35.15 ? 31  GLU A CA  1 
ATOM   232 C  C   . GLU A 1 31 ? 12.935  2.063   -0.078  1.00 38.31 ? 31  GLU A C   1 
ATOM   233 O  O   . GLU A 1 31 ? 14.005  2.232   -0.689  1.00 43.66 ? 31  GLU A O   1 
ATOM   234 C  CB  . GLU A 1 31 ? 11.218  3.872   -0.454  1.00 33.00 ? 31  GLU A CB  1 
ATOM   235 C  CG  . GLU A 1 31 ? 9.943   4.271   -1.172  1.00 34.28 ? 31  GLU A CG  1 
ATOM   236 C  CD  . GLU A 1 31 ? 9.313   5.580   -0.715  1.00 35.60 ? 31  GLU A CD  1 
ATOM   237 O  OE1 . GLU A 1 31 ? 9.247   5.797   0.504   1.00 34.77 ? 31  GLU A OE1 1 
ATOM   238 O  OE2 . GLU A 1 31 ? 8.882   6.368   -1.579  1.00 33.85 ? 31  GLU A OE2 1 
ATOM   239 N  N   . GLU A 1 32 ? 12.988  1.579   1.176   1.00 34.87 ? 32  GLU A N   1 
ATOM   240 C  CA  . GLU A 1 32 ? 14.262  1.155   1.763   1.00 36.64 ? 32  GLU A CA  1 
ATOM   241 C  C   . GLU A 1 32 ? 14.832  0.085   0.849   1.00 35.65 ? 32  GLU A C   1 
ATOM   242 O  O   . GLU A 1 32 ? 15.961  0.142   0.359   1.00 38.17 ? 32  GLU A O   1 
ATOM   243 C  CB  . GLU A 1 32 ? 14.126  0.515   3.149   1.00 38.88 ? 32  GLU A CB  1 
ATOM   244 C  CG  . GLU A 1 32 ? 13.779  1.485   4.256   1.00 43.54 ? 32  GLU A CG  1 
ATOM   245 C  CD  . GLU A 1 32 ? 14.855  2.516   4.537   1.00 43.59 ? 32  GLU A CD  1 
ATOM   246 O  OE1 . GLU A 1 32 ? 15.716  2.245   5.370   1.00 47.16 ? 32  GLU A OE1 1 
ATOM   247 O  OE2 . GLU A 1 32 ? 14.827  3.587   3.930   1.00 44.04 ? 32  GLU A OE2 1 
ATOM   248 N  N   . ALA A 1 33 ? 13.904  -0.805  0.533   1.00 34.36 ? 33  ALA A N   1 
ATOM   249 C  CA  . ALA A 1 33 ? 14.121  -1.903  -0.368  1.00 33.46 ? 33  ALA A CA  1 
ATOM   250 C  C   . ALA A 1 33 ? 14.518  -1.491  -1.793  1.00 32.17 ? 33  ALA A C   1 
ATOM   251 O  O   . ALA A 1 33 ? 14.796  -2.365  -2.623  1.00 33.23 ? 33  ALA A O   1 
ATOM   252 C  CB  . ALA A 1 33 ? 12.854  -2.709  -0.396  1.00 31.90 ? 33  ALA A CB  1 
ATOM   253 N  N   . GLY A 1 34 ? 14.545  -0.233  -2.203  1.00 28.75 ? 34  GLY A N   1 
ATOM   254 C  CA  . GLY A 1 34 ? 15.007  0.006   -3.549  1.00 32.48 ? 34  GLY A CA  1 
ATOM   255 C  C   . GLY A 1 34 ? 13.993  -0.127  -4.672  1.00 33.49 ? 34  GLY A C   1 
ATOM   256 O  O   . GLY A 1 34 ? 14.427  0.231   -5.785  1.00 33.31 ? 34  GLY A O   1 
ATOM   257 N  N   . LEU A 1 35 ? 12.737  -0.619  -4.533  1.00 31.78 ? 35  LEU A N   1 
ATOM   258 C  CA  . LEU A 1 35 ? 11.840  -0.569  -5.686  1.00 32.87 ? 35  LEU A CA  1 
ATOM   259 C  C   . LEU A 1 35 ? 11.140  0.746   -5.405  1.00 34.21 ? 35  LEU A C   1 
ATOM   260 O  O   . LEU A 1 35 ? 10.980  1.133   -4.244  1.00 37.96 ? 35  LEU A O   1 
ATOM   261 C  CB  . LEU A 1 35 ? 10.829  -1.727  -5.773  1.00 33.55 ? 35  LEU A CB  1 
ATOM   262 C  CG  . LEU A 1 35 ? 10.106  -2.508  -4.670  1.00 37.39 ? 35  LEU A CG  1 
ATOM   263 C  CD1 . LEU A 1 35 ? 9.264   -1.660  -3.761  1.00 41.23 ? 35  LEU A CD1 1 
ATOM   264 C  CD2 . LEU A 1 35 ? 9.091   -3.392  -5.340  1.00 36.00 ? 35  LEU A CD2 1 
ATOM   265 N  N   . ASP A 1 36 ? 10.699  1.505   -6.396  1.00 34.80 ? 36  ASP A N   1 
ATOM   266 C  CA  . ASP A 1 36 ? 10.193  2.851   -6.147  1.00 33.15 ? 36  ASP A CA  1 
ATOM   267 C  C   . ASP A 1 36 ? 8.761   2.849   -6.625  1.00 30.92 ? 36  ASP A C   1 
ATOM   268 O  O   . ASP A 1 36 ? 8.421   2.599   -7.782  1.00 29.68 ? 36  ASP A O   1 
ATOM   269 C  CB  . ASP A 1 36 ? 11.198  3.726   -6.919  1.00 38.84 ? 36  ASP A CB  1 
ATOM   270 C  CG  . ASP A 1 36 ? 11.237  5.267   -6.991  1.00 45.42 ? 36  ASP A CG  1 
ATOM   271 O  OD1 . ASP A 1 36 ? 11.435  5.956   -5.964  1.00 43.92 ? 36  ASP A OD1 1 
ATOM   272 O  OD2 . ASP A 1 36 ? 11.148  5.758   -8.139  1.00 46.11 ? 36  ASP A OD2 1 
ATOM   273 N  N   . LEU A 1 37 ? 7.917   3.023   -5.631  1.00 27.54 ? 37  LEU A N   1 
ATOM   274 C  CA  . LEU A 1 37 ? 6.475   3.057   -5.808  1.00 23.07 ? 37  LEU A CA  1 
ATOM   275 C  C   . LEU A 1 37 ? 5.996   4.503   -5.959  1.00 23.90 ? 37  LEU A C   1 
ATOM   276 O  O   . LEU A 1 37 ? 6.841   5.406   -5.813  1.00 23.84 ? 37  LEU A O   1 
ATOM   277 C  CB  . LEU A 1 37 ? 5.869   2.447   -4.607  1.00 17.90 ? 37  LEU A CB  1 
ATOM   278 C  CG  . LEU A 1 37 ? 5.549   0.971   -4.524  1.00 17.50 ? 37  LEU A CG  1 
ATOM   279 C  CD1 . LEU A 1 37 ? 6.461   0.144   -5.355  1.00 8.98  ? 37  LEU A CD1 1 
ATOM   280 C  CD2 . LEU A 1 37 ? 5.507   0.653   -3.049  1.00 7.58  ? 37  LEU A CD2 1 
ATOM   281 N  N   . PRO A 1 38 ? 4.709   4.699   -6.324  1.00 21.45 ? 38  PRO A N   1 
ATOM   282 C  CA  . PRO A 1 38 ? 3.933   5.951   -6.420  1.00 24.12 ? 38  PRO A CA  1 
ATOM   283 C  C   . PRO A 1 38 ? 3.634   6.765   -5.192  1.00 24.62 ? 38  PRO A C   1 
ATOM   284 O  O   . PRO A 1 38 ? 3.261   6.180   -4.183  1.00 28.35 ? 38  PRO A O   1 
ATOM   285 C  CB  . PRO A 1 38 ? 2.591   5.652   -7.003  1.00 22.99 ? 38  PRO A CB  1 
ATOM   286 C  CG  . PRO A 1 38 ? 2.917   4.493   -7.887  1.00 27.01 ? 38  PRO A CG  1 
ATOM   287 C  CD  . PRO A 1 38 ? 4.011   3.711   -7.145  1.00 23.69 ? 38  PRO A CD  1 
ATOM   288 N  N   . TYR A 1 39 ? 3.684   8.089   -5.243  1.00 27.18 ? 39  TYR A N   1 
ATOM   289 C  CA  . TYR A 1 39 ? 3.348   8.910   -4.107  1.00 25.71 ? 39  TYR A CA  1 
ATOM   290 C  C   . TYR A 1 39 ? 3.508   10.333  -4.582  1.00 29.04 ? 39  TYR A C   1 
ATOM   291 O  O   . TYR A 1 39 ? 4.357   10.613  -5.479  1.00 29.82 ? 39  TYR A O   1 
ATOM   292 C  CB  . TYR A 1 39 ? 4.267   8.648   -2.919  1.00 25.69 ? 39  TYR A CB  1 
ATOM   293 C  CG  . TYR A 1 39 ? 5.713   9.084   -3.070  1.00 31.00 ? 39  TYR A CG  1 
ATOM   294 C  CD1 . TYR A 1 39 ? 6.588   8.479   -3.940  1.00 31.01 ? 39  TYR A CD1 1 
ATOM   295 C  CD2 . TYR A 1 39 ? 6.121   10.139  -2.299  1.00 31.98 ? 39  TYR A CD2 1 
ATOM   296 C  CE1 . TYR A 1 39 ? 7.876   8.955   -4.026  1.00 35.08 ? 39  TYR A CE1 1 
ATOM   297 C  CE2 . TYR A 1 39 ? 7.393   10.617  -2.377  1.00 35.39 ? 39  TYR A CE2 1 
ATOM   298 C  CZ  . TYR A 1 39 ? 8.273   10.032  -3.243  1.00 37.84 ? 39  TYR A CZ  1 
ATOM   299 O  OH  . TYR A 1 39 ? 9.553   10.588  -3.333  1.00 38.26 ? 39  TYR A OH  1 
ATOM   300 N  N   . SER A 1 40 ? 2.636   11.162  -3.959  1.00 30.63 ? 40  SER A N   1 
ATOM   301 C  CA  . SER A 1 40 ? 2.582   12.597  -4.224  1.00 31.54 ? 40  SER A CA  1 
ATOM   302 C  C   . SER A 1 40 ? 2.581   13.334  -2.897  1.00 33.03 ? 40  SER A C   1 
ATOM   303 O  O   . SER A 1 40 ? 3.551   13.949  -2.441  1.00 33.94 ? 40  SER A O   1 
ATOM   304 C  CB  . SER A 1 40 ? 1.325   13.043  -4.956  1.00 30.56 ? 40  SER A CB  1 
ATOM   305 O  OG  . SER A 1 40 ? 0.113   12.856  -4.189  1.00 31.60 ? 40  SER A OG  1 
ATOM   306 N  N   . CYS A 1 41 ? 1.493   13.172  -2.174  1.00 30.94 ? 41  CYS A N   1 
ATOM   307 C  CA  . CYS A 1 41 ? 1.354   13.948  -0.967  1.00 33.99 ? 41  CYS A CA  1 
ATOM   308 C  C   . CYS A 1 41 ? 1.955   13.447  0.329   1.00 33.98 ? 41  CYS A C   1 
ATOM   309 O  O   . CYS A 1 41 ? 2.111   14.166  1.308   1.00 33.92 ? 41  CYS A O   1 
ATOM   310 C  CB  . CYS A 1 41 ? -0.092  14.176  -0.785  1.00 37.81 ? 41  CYS A CB  1 
ATOM   311 S  SG  . CYS A 1 41 ? -0.736  12.675  -0.028  1.00 37.90 ? 41  CYS A SG  1 
ATOM   312 N  N   . ARG A 1 42 ? 1.996   12.114  0.369   1.00 33.62 ? 42  ARG A N   1 
ATOM   313 C  CA  . ARG A 1 42 ? 2.459   11.369  1.510   1.00 35.04 ? 42  ARG A CA  1 
ATOM   314 C  C   . ARG A 1 42 ? 1.692   11.663  2.802   1.00 35.24 ? 42  ARG A C   1 
ATOM   315 O  O   . ARG A 1 42 ? 2.234   11.564  3.908   1.00 37.05 ? 42  ARG A O   1 
ATOM   316 C  CB  . ARG A 1 42 ? 3.973   11.659  1.624   1.00 37.06 ? 42  ARG A CB  1 
ATOM   317 C  CG  . ARG A 1 42 ? 4.720   10.526  2.343   1.00 40.38 ? 42  ARG A CG  1 
ATOM   318 C  CD  . ARG A 1 42 ? 5.651   9.813   1.392   1.00 38.87 ? 42  ARG A CD  1 
ATOM   319 N  NE  . ARG A 1 42 ? 6.973   10.361  1.572   1.00 39.22 ? 42  ARG A NE  1 
ATOM   320 C  CZ  . ARG A 1 42 ? 8.065   9.739   1.135   1.00 40.84 ? 42  ARG A CZ  1 
ATOM   321 N  NH1 . ARG A 1 42 ? 8.008   8.566   0.494   1.00 35.38 ? 42  ARG A NH1 1 
ATOM   322 N  NH2 . ARG A 1 42 ? 9.246   10.340  1.347   1.00 44.52 ? 42  ARG A NH2 1 
ATOM   323 N  N   . ALA A 1 43 ? 0.392   11.938  2.675   1.00 34.78 ? 43  ALA A N   1 
ATOM   324 C  CA  . ALA A 1 43 ? -0.415  12.311  3.836   1.00 35.27 ? 43  ALA A CA  1 
ATOM   325 C  C   . ALA A 1 43 ? -1.910  11.960  3.936   1.00 32.86 ? 43  ALA A C   1 
ATOM   326 O  O   . ALA A 1 43 ? -2.669  12.492  4.779   1.00 28.85 ? 43  ALA A O   1 
ATOM   327 C  CB  . ALA A 1 43 ? -0.250  13.825  4.002   1.00 37.70 ? 43  ALA A CB  1 
ATOM   328 N  N   . GLY A 1 44 ? -2.362  11.106  3.004   1.00 31.84 ? 44  GLY A N   1 
ATOM   329 C  CA  . GLY A 1 44 ? -3.748  10.646  3.028   1.00 33.31 ? 44  GLY A CA  1 
ATOM   330 C  C   . GLY A 1 44 ? -4.683  11.605  2.363   1.00 33.75 ? 44  GLY A C   1 
ATOM   331 O  O   . GLY A 1 44 ? -5.897  11.414  2.341   1.00 31.18 ? 44  GLY A O   1 
ATOM   332 N  N   . ALA A 1 45 ? -4.116  12.692  1.857   1.00 38.08 ? 45  ALA A N   1 
ATOM   333 C  CA  . ALA A 1 45 ? -4.904  13.681  1.150   1.00 38.72 ? 45  ALA A CA  1 
ATOM   334 C  C   . ALA A 1 45 ? -4.918  13.456  -0.374  1.00 38.00 ? 45  ALA A C   1 
ATOM   335 O  O   . ALA A 1 45 ? -5.037  14.426  -1.146  1.00 36.44 ? 45  ALA A O   1 
ATOM   336 C  CB  . ALA A 1 45 ? -4.323  15.039  1.508   1.00 36.95 ? 45  ALA A CB  1 
ATOM   337 N  N   . CYS A 1 46 ? -4.745  12.216  -0.883  1.00 36.93 ? 46  CYS A N   1 
ATOM   338 C  CA  . CYS A 1 46 ? -4.821  12.010  -2.316  1.00 35.35 ? 46  CYS A CA  1 
ATOM   339 C  C   . CYS A 1 46 ? -4.992  10.553  -2.737  1.00 36.82 ? 46  CYS A C   1 
ATOM   340 O  O   . CYS A 1 46 ? -5.418  9.765   -1.908  1.00 37.44 ? 46  CYS A O   1 
ATOM   341 C  CB  . CYS A 1 46 ? -3.594  12.629  -2.922  1.00 34.81 ? 46  CYS A CB  1 
ATOM   342 S  SG  . CYS A 1 46 ? -2.299  11.459  -3.310  1.00 34.88 ? 46  CYS A SG  1 
ATOM   343 N  N   . SER A 1 47 ? -4.669  10.141  -3.978  1.00 38.85 ? 47  SER A N   1 
ATOM   344 C  CA  . SER A 1 47 ? -4.846  8.776   -4.455  1.00 35.53 ? 47  SER A CA  1 
ATOM   345 C  C   . SER A 1 47 ? -3.732  8.131   -5.254  1.00 34.75 ? 47  SER A C   1 
ATOM   346 O  O   . SER A 1 47 ? -3.659  6.914   -5.332  1.00 33.01 ? 47  SER A O   1 
ATOM   347 C  CB  . SER A 1 47 ? -6.072  8.806   -5.246  1.00 34.44 ? 47  SER A CB  1 
ATOM   348 O  OG  . SER A 1 47 ? -5.888  9.838   -6.197  1.00 35.15 ? 47  SER A OG  1 
ATOM   349 N  N   . THR A 1 48 ? -2.830  8.886   -5.868  1.00 33.70 ? 48  THR A N   1 
ATOM   350 C  CA  . THR A 1 48 ? -1.695  8.354   -6.639  1.00 36.73 ? 48  THR A CA  1 
ATOM   351 C  C   . THR A 1 48 ? -1.007  7.067   -6.186  1.00 35.03 ? 48  THR A C   1 
ATOM   352 O  O   . THR A 1 48 ? -0.563  6.219   -6.978  1.00 31.17 ? 48  THR A O   1 
ATOM   353 C  CB  . THR A 1 48 ? -0.705  9.548   -6.736  1.00 40.86 ? 48  THR A CB  1 
ATOM   354 O  OG1 . THR A 1 48 ? -1.554  10.576  -7.300  1.00 46.74 ? 48  THR A OG1 1 
ATOM   355 C  CG2 . THR A 1 48 ? 0.625   9.299   -7.503  1.00 40.09 ? 48  THR A CG2 1 
ATOM   356 N  N   . CYS A 1 49 ? -0.959  6.950   -4.854  1.00 35.31 ? 49  CYS A N   1 
ATOM   357 C  CA  . CYS A 1 49 ? -0.353  5.796   -4.206  1.00 36.37 ? 49  CYS A CA  1 
ATOM   358 C  C   . CYS A 1 49 ? -1.657  5.109   -3.885  1.00 37.63 ? 49  CYS A C   1 
ATOM   359 O  O   . CYS A 1 49 ? -2.451  5.702   -3.151  1.00 43.09 ? 49  CYS A O   1 
ATOM   360 C  CB  . CYS A 1 49 ? 0.386   6.175   -2.910  1.00 28.08 ? 49  CYS A CB  1 
ATOM   361 S  SG  . CYS A 1 49 ? -0.715  6.467   -1.523  1.00 25.37 ? 49  CYS A SG  1 
ATOM   362 N  N   . ALA A 1 50 ? -1.996  3.990   -4.468  1.00 39.15 ? 50  ALA A N   1 
ATOM   363 C  CA  . ALA A 1 50 ? -3.234  3.297   -4.131  1.00 37.66 ? 50  ALA A CA  1 
ATOM   364 C  C   . ALA A 1 50 ? -2.849  1.905   -4.528  1.00 35.85 ? 50  ALA A C   1 
ATOM   365 O  O   . ALA A 1 50 ? -2.028  1.681   -5.449  1.00 35.62 ? 50  ALA A O   1 
ATOM   366 C  CB  . ALA A 1 50 ? -4.448  3.649   -4.989  1.00 35.84 ? 50  ALA A CB  1 
ATOM   367 N  N   . GLY A 1 51 ? -3.448  1.002   -3.795  1.00 32.87 ? 51  GLY A N   1 
ATOM   368 C  CA  . GLY A 1 51 ? -3.213  -0.382  -4.053  1.00 30.71 ? 51  GLY A CA  1 
ATOM   369 C  C   . GLY A 1 51 ? -4.453  -1.092  -3.613  1.00 31.48 ? 51  GLY A C   1 
ATOM   370 O  O   . GLY A 1 51 ? -5.326  -0.494  -2.950  1.00 32.60 ? 51  GLY A O   1 
ATOM   371 N  N   . THR A 1 52 ? -4.504  -2.358  -3.991  1.00 28.96 ? 52  THR A N   1 
ATOM   372 C  CA  . THR A 1 52 ? -5.634  -3.134  -3.581  1.00 28.41 ? 52  THR A CA  1 
ATOM   373 C  C   . THR A 1 52 ? -5.049  -4.349  -2.911  1.00 28.02 ? 52  THR A C   1 
ATOM   374 O  O   . THR A 1 52 ? -4.353  -5.182  -3.510  1.00 28.56 ? 52  THR A O   1 
ATOM   375 C  CB  . THR A 1 52 ? -6.465  -3.502  -4.796  1.00 28.57 ? 52  THR A CB  1 
ATOM   376 O  OG1 . THR A 1 52 ? -6.767  -2.308  -5.485  1.00 27.76 ? 52  THR A OG1 1 
ATOM   377 C  CG2 . THR A 1 52 ? -7.751  -4.201  -4.402  1.00 28.75 ? 52  THR A CG2 1 
ATOM   378 N  N   . ILE A 1 53 ? -5.327  -4.399  -1.620  1.00 28.99 ? 53  ILE A N   1 
ATOM   379 C  CA  . ILE A 1 53 ? -4.825  -5.470  -0.806  1.00 28.41 ? 53  ILE A CA  1 
ATOM   380 C  C   . ILE A 1 53 ? -5.749  -6.623  -1.133  1.00 30.09 ? 53  ILE A C   1 
ATOM   381 O  O   . ILE A 1 53 ? -6.987  -6.605  -1.068  1.00 29.57 ? 53  ILE A O   1 
ATOM   382 C  CB  . ILE A 1 53 ? -4.861  -4.944  0.605   1.00 29.10 ? 53  ILE A CB  1 
ATOM   383 C  CG1 . ILE A 1 53 ? -3.903  -5.869  1.342   1.00 38.39 ? 53  ILE A CG1 1 
ATOM   384 C  CG2 . ILE A 1 53 ? -6.242  -4.837  1.208   1.00 23.30 ? 53  ILE A CG2 1 
ATOM   385 C  CD1 . ILE A 1 53 ? -3.069  -5.186  2.478   1.00 42.73 ? 53  ILE A CD1 1 
ATOM   386 N  N   . THR A 1 54 ? -4.995  -7.478  -1.789  1.00 29.56 ? 54  THR A N   1 
ATOM   387 C  CA  . THR A 1 54 ? -5.503  -8.672  -2.410  1.00 31.52 ? 54  THR A CA  1 
ATOM   388 C  C   . THR A 1 54 ? -5.859  -9.516  -1.199  1.00 33.71 ? 54  THR A C   1 
ATOM   389 O  O   . THR A 1 54 ? -7.058  -9.695  -1.008  1.00 37.54 ? 54  THR A O   1 
ATOM   390 C  CB  . THR A 1 54 ? -4.368  -9.167  -3.308  1.00 30.78 ? 54  THR A CB  1 
ATOM   391 O  OG1 . THR A 1 54 ? -3.575  -8.021  -3.603  1.00 36.38 ? 54  THR A OG1 1 
ATOM   392 C  CG2 . THR A 1 54 ? -4.803  -9.654  -4.680  1.00 33.00 ? 54  THR A CG2 1 
ATOM   393 N  N   . SER A 1 55 ? -5.005  -9.997  -0.313  1.00 32.69 ? 55  SER A N   1 
ATOM   394 C  CA  . SER A 1 55 ? -5.560  -10.671 0.852   1.00 35.18 ? 55  SER A CA  1 
ATOM   395 C  C   . SER A 1 55 ? -4.750  -10.273 2.106   1.00 37.12 ? 55  SER A C   1 
ATOM   396 O  O   . SER A 1 55 ? -3.545  -9.910  2.022   1.00 36.15 ? 55  SER A O   1 
ATOM   397 C  CB  . SER A 1 55 ? -5.568  -12.212 0.618   1.00 34.26 ? 55  SER A CB  1 
ATOM   398 O  OG  . SER A 1 55 ? -6.312  -12.658 -0.528  1.00 32.95 ? 55  SER A OG  1 
ATOM   399 N  N   . GLY A 1 56 ? -5.436  -10.217 3.259   1.00 35.03 ? 56  GLY A N   1 
ATOM   400 C  CA  . GLY A 1 56 ? -4.787  -9.882  4.512   1.00 33.85 ? 56  GLY A CA  1 
ATOM   401 C  C   . GLY A 1 56 ? -5.379  -8.644  5.176   1.00 31.04 ? 56  GLY A C   1 
ATOM   402 O  O   . GLY A 1 56 ? -6.520  -8.244  4.931   1.00 29.12 ? 56  GLY A O   1 
ATOM   403 N  N   . THR A 1 57 ? -4.552  -8.013  6.005   1.00 30.97 ? 57  THR A N   1 
ATOM   404 C  CA  . THR A 1 57 ? -4.943  -6.837  6.770   1.00 30.42 ? 57  THR A CA  1 
ATOM   405 C  C   . THR A 1 57 ? -3.877  -5.754  6.903   1.00 29.81 ? 57  THR A C   1 
ATOM   406 O  O   . THR A 1 57 ? -2.685  -6.044  7.089   1.00 23.65 ? 57  THR A O   1 
ATOM   407 C  CB  . THR A 1 57 ? -5.367  -7.303  8.164   1.00 26.98 ? 57  THR A CB  1 
ATOM   408 O  OG1 . THR A 1 57 ? -6.474  -8.137  7.961   1.00 25.51 ? 57  THR A OG1 1 
ATOM   409 C  CG2 . THR A 1 57 ? -5.847  -6.220  9.074   1.00 31.00 ? 57  THR A CG2 1 
ATOM   410 N  N   . ILE A 1 58 ? -4.445  -4.533  6.897   1.00 32.03 ? 58  ILE A N   1 
ATOM   411 C  CA  . ILE A 1 58 ? -3.757  -3.261  7.033   1.00 33.95 ? 58  ILE A CA  1 
ATOM   412 C  C   . ILE A 1 58 ? -4.466  -2.276  8.011   1.00 36.79 ? 58  ILE A C   1 
ATOM   413 O  O   . ILE A 1 58 ? -5.631  -2.523  8.360   1.00 40.49 ? 58  ILE A O   1 
ATOM   414 C  CB  . ILE A 1 58 ? -3.677  -2.714  5.636   1.00 30.62 ? 58  ILE A CB  1 
ATOM   415 C  CG1 . ILE A 1 58 ? -2.249  -2.335  5.486   1.00 33.26 ? 58  ILE A CG1 1 
ATOM   416 C  CG2 . ILE A 1 58 ? -4.591  -1.516  5.350   1.00 30.79 ? 58  ILE A CG2 1 
ATOM   417 C  CD1 . ILE A 1 58 ? -1.926  -1.940  4.037   1.00 36.29 ? 58  ILE A CD1 1 
ATOM   418 N  N   . ASP A 1 59 ? -3.821  -1.190  8.478   1.00 34.56 ? 59  ASP A N   1 
ATOM   419 C  CA  . ASP A 1 59 ? -4.400  -0.129  9.298   1.00 30.73 ? 59  ASP A CA  1 
ATOM   420 C  C   . ASP A 1 59 ? -4.224  1.148   8.461   1.00 29.96 ? 59  ASP A C   1 
ATOM   421 O  O   . ASP A 1 59 ? -3.081  1.547   8.205   1.00 24.76 ? 59  ASP A O   1 
ATOM   422 C  CB  . ASP A 1 59 ? -3.648  0.155   10.588  1.00 32.78 ? 59  ASP A CB  1 
ATOM   423 C  CG  . ASP A 1 59 ? -4.070  1.512   11.198  1.00 35.49 ? 59  ASP A CG  1 
ATOM   424 O  OD1 . ASP A 1 59 ? -5.196  1.578   11.681  1.00 39.65 ? 59  ASP A OD1 1 
ATOM   425 O  OD2 . ASP A 1 59 ? -3.328  2.503   11.153  1.00 33.23 ? 59  ASP A OD2 1 
ATOM   426 N  N   . GLN A 1 60 ? -5.275  1.847   8.032   1.00 28.67 ? 60  GLN A N   1 
ATOM   427 C  CA  . GLN A 1 60 ? -5.064  3.080   7.269   1.00 27.83 ? 60  GLN A CA  1 
ATOM   428 C  C   . GLN A 1 60 ? -5.079  4.191   8.280   1.00 25.42 ? 60  GLN A C   1 
ATOM   429 O  O   . GLN A 1 60 ? -4.057  4.791   8.495   1.00 25.92 ? 60  GLN A O   1 
ATOM   430 C  CB  . GLN A 1 60 ? -6.157  3.279   6.266   1.00 25.77 ? 60  GLN A CB  1 
ATOM   431 C  CG  . GLN A 1 60 ? -6.134  2.064   5.403   1.00 27.94 ? 60  GLN A CG  1 
ATOM   432 C  CD  . GLN A 1 60 ? -6.187  2.382   3.941   1.00 31.75 ? 60  GLN A CD  1 
ATOM   433 O  OE1 . GLN A 1 60 ? -5.257  2.929   3.335   1.00 28.49 ? 60  GLN A OE1 1 
ATOM   434 N  NE2 . GLN A 1 60 ? -7.332  2.005   3.378   1.00 34.26 ? 60  GLN A NE2 1 
ATOM   435 N  N   . SER A 1 61 ? -6.197  4.413   8.947   1.00 25.07 ? 61  SER A N   1 
ATOM   436 C  CA  . SER A 1 61 ? -6.451  5.381   10.008  1.00 27.53 ? 61  SER A CA  1 
ATOM   437 C  C   . SER A 1 61 ? -6.209  6.803   9.631   1.00 25.97 ? 61  SER A C   1 
ATOM   438 O  O   . SER A 1 61 ? -7.128  7.604   9.539   1.00 25.19 ? 61  SER A O   1 
ATOM   439 C  CB  . SER A 1 61 ? -5.646  5.033   11.268  1.00 24.83 ? 61  SER A CB  1 
ATOM   440 O  OG  . SER A 1 61 ? -6.441  4.096   12.003  1.00 25.28 ? 61  SER A OG  1 
ATOM   441 N  N   . ASP A 1 62 ? -4.953  7.003   9.335   1.00 28.93 ? 62  ASP A N   1 
ATOM   442 C  CA  . ASP A 1 62 ? -4.309  8.210   8.902   1.00 31.01 ? 62  ASP A CA  1 
ATOM   443 C  C   . ASP A 1 62 ? -4.901  8.784   7.662   1.00 32.07 ? 62  ASP A C   1 
ATOM   444 O  O   . ASP A 1 62 ? -4.802  10.003  7.492   1.00 34.71 ? 62  ASP A O   1 
ATOM   445 C  CB  . ASP A 1 62 ? -2.859  7.854   8.733   1.00 32.57 ? 62  ASP A CB  1 
ATOM   446 C  CG  . ASP A 1 62 ? -2.375  7.110   9.993   1.00 36.09 ? 62  ASP A CG  1 
ATOM   447 O  OD1 . ASP A 1 62 ? -2.752  7.478   11.129  1.00 33.33 ? 62  ASP A OD1 1 
ATOM   448 O  OD2 . ASP A 1 62 ? -1.672  6.114   9.815   1.00 37.65 ? 62  ASP A OD2 1 
ATOM   449 N  N   . GLN A 1 63 ? -5.505  7.917   6.832   1.00 33.62 ? 63  GLN A N   1 
ATOM   450 C  CA  . GLN A 1 63 ? -6.171  8.329   5.593   1.00 32.77 ? 63  GLN A CA  1 
ATOM   451 C  C   . GLN A 1 63 ? -7.207  9.460   5.753   1.00 28.37 ? 63  GLN A C   1 
ATOM   452 O  O   . GLN A 1 63 ? -8.030  9.458   6.672   1.00 20.27 ? 63  GLN A O   1 
ATOM   453 C  CB  . GLN A 1 63 ? -6.891  7.112   4.915   1.00 37.95 ? 63  GLN A CB  1 
ATOM   454 C  CG  . GLN A 1 63 ? -8.399  6.786   5.205   1.00 40.11 ? 63  GLN A CG  1 
ATOM   455 C  CD  . GLN A 1 63 ? -8.696  6.437   6.668   1.00 42.22 ? 63  GLN A CD  1 
ATOM   456 O  OE1 . GLN A 1 63 ? -8.072  5.524   7.218   1.00 42.97 ? 63  GLN A OE1 1 
ATOM   457 N  NE2 . GLN A 1 63 ? -9.588  7.101   7.392   1.00 41.96 ? 63  GLN A NE2 1 
ATOM   458 N  N   . SER A 1 64 ? -7.222  10.380  4.776   1.00 26.88 ? 64  SER A N   1 
ATOM   459 C  CA  . SER A 1 64 ? -8.159  11.497  4.760   1.00 25.72 ? 64  SER A CA  1 
ATOM   460 C  C   . SER A 1 64 ? -8.988  11.536  3.508   1.00 25.87 ? 64  SER A C   1 
ATOM   461 O  O   . SER A 1 64 ? -9.969  12.270  3.493   1.00 29.50 ? 64  SER A O   1 
ATOM   462 C  CB  . SER A 1 64 ? -7.478  12.828  4.802   1.00 20.89 ? 64  SER A CB  1 
ATOM   463 O  OG  . SER A 1 64 ? -6.097  12.724  5.191   1.00 35.29 ? 64  SER A OG  1 
ATOM   464 N  N   . PHE A 1 65 ? -8.547  10.864  2.430   1.00 27.86 ? 65  PHE A N   1 
ATOM   465 C  CA  . PHE A 1 65 ? -9.194  10.824  1.109   1.00 25.71 ? 65  PHE A CA  1 
ATOM   466 C  C   . PHE A 1 65 ? -10.074 9.615   0.751   1.00 24.76 ? 65  PHE A C   1 
ATOM   467 O  O   . PHE A 1 65 ? -11.113 9.790   0.102   1.00 25.15 ? 65  PHE A O   1 
ATOM   468 C  CB  . PHE A 1 65 ? -8.080  10.992  0.052   1.00 22.35 ? 65  PHE A CB  1 
ATOM   469 C  CG  . PHE A 1 65 ? -8.441  11.298  -1.409  1.00 26.65 ? 65  PHE A CG  1 
ATOM   470 C  CD1 . PHE A 1 65 ? -9.098  10.392  -2.225  1.00 27.66 ? 65  PHE A CD1 1 
ATOM   471 C  CD2 . PHE A 1 65 ? -8.049  12.498  -1.962  1.00 28.31 ? 65  PHE A CD2 1 
ATOM   472 C  CE1 . PHE A 1 65 ? -9.351  10.676  -3.549  1.00 26.53 ? 65  PHE A CE1 1 
ATOM   473 C  CE2 . PHE A 1 65 ? -8.303  12.776  -3.287  1.00 29.20 ? 65  PHE A CE2 1 
ATOM   474 C  CZ  . PHE A 1 65 ? -8.955  11.866  -4.087  1.00 28.69 ? 65  PHE A CZ  1 
ATOM   475 N  N   . LEU A 1 66 ? -9.740  8.382   1.085   1.00 25.42 ? 66  LEU A N   1 
ATOM   476 C  CA  . LEU A 1 66 ? -10.600 7.289   0.657   1.00 27.69 ? 66  LEU A CA  1 
ATOM   477 C  C   . LEU A 1 66 ? -11.877 7.284   1.475   1.00 29.93 ? 66  LEU A C   1 
ATOM   478 O  O   . LEU A 1 66 ? -11.792 7.413   2.703   1.00 32.38 ? 66  LEU A O   1 
ATOM   479 C  CB  . LEU A 1 66 ? -9.858  5.962   0.814   1.00 24.94 ? 66  LEU A CB  1 
ATOM   480 C  CG  . LEU A 1 66 ? -8.644  5.783   -0.067  1.00 18.98 ? 66  LEU A CG  1 
ATOM   481 C  CD1 . LEU A 1 66 ? -7.920  4.546   0.342   1.00 23.12 ? 66  LEU A CD1 1 
ATOM   482 C  CD2 . LEU A 1 66 ? -9.048  5.619   -1.504  1.00 21.80 ? 66  LEU A CD2 1 
ATOM   483 N  N   . ASP A 1 67 ? -13.044 7.226   0.826   1.00 28.99 ? 67  ASP A N   1 
ATOM   484 C  CA  . ASP A 1 67 ? -14.283 7.160   1.568   1.00 29.91 ? 67  ASP A CA  1 
ATOM   485 C  C   . ASP A 1 67 ? -14.706 5.700   1.750   1.00 30.17 ? 67  ASP A C   1 
ATOM   486 O  O   . ASP A 1 67 ? -14.441 4.846   0.889   1.00 29.62 ? 67  ASP A O   1 
ATOM   487 C  CB  . ASP A 1 67 ? -15.371 7.971   0.838   1.00 30.02 ? 67  ASP A CB  1 
ATOM   488 C  CG  . ASP A 1 67 ? -16.049 7.511   -0.463  1.00 29.64 ? 67  ASP A CG  1 
ATOM   489 O  OD1 . ASP A 1 67 ? -15.826 6.392   -0.950  1.00 28.04 ? 67  ASP A OD1 1 
ATOM   490 O  OD2 . ASP A 1 67 ? -16.839 8.313   -0.984  1.00 27.14 ? 67  ASP A OD2 1 
ATOM   491 N  N   . ASP A 1 68 ? -15.398 5.391   2.841   1.00 30.97 ? 68  ASP A N   1 
ATOM   492 C  CA  . ASP A 1 68 ? -15.861 4.042   3.160   1.00 36.64 ? 68  ASP A CA  1 
ATOM   493 C  C   . ASP A 1 68 ? -15.954 2.943   2.057   1.00 39.14 ? 68  ASP A C   1 
ATOM   494 O  O   . ASP A 1 68 ? -15.154 1.982   2.031   1.00 37.70 ? 68  ASP A O   1 
ATOM   495 C  CB  . ASP A 1 68 ? -17.221 4.204   3.869   1.00 36.98 ? 68  ASP A CB  1 
ATOM   496 C  CG  . ASP A 1 68 ? -17.204 4.156   5.411   1.00 41.55 ? 68  ASP A CG  1 
ATOM   497 O  OD1 . ASP A 1 68 ? -16.198 4.575   6.031   1.00 40.33 ? 68  ASP A OD1 1 
ATOM   498 O  OD2 . ASP A 1 68 ? -18.226 3.700   5.974   1.00 35.70 ? 68  ASP A OD2 1 
ATOM   499 N  N   . ASP A 1 69 ? -16.856 3.116   1.076   1.00 37.77 ? 69  ASP A N   1 
ATOM   500 C  CA  . ASP A 1 69 ? -17.050 2.169   -0.030  1.00 33.04 ? 69  ASP A CA  1 
ATOM   501 C  C   . ASP A 1 69 ? -15.747 1.798   -0.744  1.00 28.50 ? 69  ASP A C   1 
ATOM   502 O  O   . ASP A 1 69 ? -15.459 0.640   -1.045  1.00 19.72 ? 69  ASP A O   1 
ATOM   503 C  CB  . ASP A 1 69 ? -18.050 2.829   -0.949  1.00 33.29 ? 69  ASP A CB  1 
ATOM   504 C  CG  . ASP A 1 69 ? -19.512 2.390   -0.882  1.00 33.47 ? 69  ASP A CG  1 
ATOM   505 O  OD1 . ASP A 1 69 ? -20.057 2.054   0.180   1.00 27.34 ? 69  ASP A OD1 1 
ATOM   506 O  OD2 . ASP A 1 69 ? -20.085 2.408   -1.986  1.00 37.47 ? 69  ASP A OD2 1 
ATOM   507 N  N   . GLN A 1 70 ? -14.891 2.822   -0.876  1.00 27.02 ? 70  GLN A N   1 
ATOM   508 C  CA  . GLN A 1 70 ? -13.591 2.642   -1.463  1.00 24.23 ? 70  GLN A CA  1 
ATOM   509 C  C   . GLN A 1 70 ? -12.724 1.790   -0.561  1.00 23.91 ? 70  GLN A C   1 
ATOM   510 O  O   . GLN A 1 70 ? -11.961 0.978   -1.079  1.00 23.37 ? 70  GLN A O   1 
ATOM   511 C  CB  . GLN A 1 70 ? -12.941 3.981   -1.677  1.00 22.85 ? 70  GLN A CB  1 
ATOM   512 C  CG  . GLN A 1 70 ? -13.431 4.566   -2.996  1.00 30.99 ? 70  GLN A CG  1 
ATOM   513 C  CD  . GLN A 1 70 ? -12.539 5.677   -3.546  1.00 33.52 ? 70  GLN A CD  1 
ATOM   514 O  OE1 . GLN A 1 70 ? -12.451 6.731   -2.931  1.00 37.24 ? 70  GLN A OE1 1 
ATOM   515 N  NE2 . GLN A 1 70 ? -11.814 5.603   -4.661  1.00 30.54 ? 70  GLN A NE2 1 
ATOM   516 N  N   . ILE A 1 71 ? -12.819 1.866   0.777   1.00 25.70 ? 71  ILE A N   1 
ATOM   517 C  CA  . ILE A 1 71 ? -11.959 1.062   1.647   1.00 24.30 ? 71  ILE A CA  1 
ATOM   518 C  C   . ILE A 1 71 ? -12.563 -0.318  1.759   1.00 28.13 ? 71  ILE A C   1 
ATOM   519 O  O   . ILE A 1 71 ? -11.791 -1.273  1.888   1.00 26.12 ? 71  ILE A O   1 
ATOM   520 C  CB  . ILE A 1 71 ? -11.736 1.688   3.122   1.00 26.47 ? 71  ILE A CB  1 
ATOM   521 C  CG1 . ILE A 1 71 ? -12.360 0.878   4.263   1.00 27.92 ? 71  ILE A CG1 1 
ATOM   522 C  CG2 . ILE A 1 71 ? -12.363 3.054   3.184   1.00 18.80 ? 71  ILE A CG2 1 
ATOM   523 C  CD1 . ILE A 1 71 ? -11.982 1.442   5.663   1.00 38.52 ? 71  ILE A CD1 1 
ATOM   524 N  N   . GLU A 1 72 ? -13.908 -0.470  1.676   1.00 30.77 ? 72  GLU A N   1 
ATOM   525 C  CA  . GLU A 1 72 ? -14.552 -1.784  1.750   1.00 32.16 ? 72  GLU A CA  1 
ATOM   526 C  C   . GLU A 1 72 ? -14.248 -2.623  0.486   1.00 29.62 ? 72  GLU A C   1 
ATOM   527 O  O   . GLU A 1 72 ? -14.211 -3.866  0.525   1.00 30.43 ? 72  GLU A O   1 
ATOM   528 C  CB  . GLU A 1 72 ? -16.084 -1.655  1.886   1.00 36.21 ? 72  GLU A CB  1 
ATOM   529 C  CG  . GLU A 1 72 ? -16.814 -3.045  2.125   1.00 45.15 ? 72  GLU A CG  1 
ATOM   530 C  CD  . GLU A 1 72 ? -18.367 -3.133  2.109   1.00 45.29 ? 72  GLU A CD  1 
ATOM   531 O  OE1 . GLU A 1 72 ? -19.013 -2.542  2.995   1.00 48.96 ? 72  GLU A OE1 1 
ATOM   532 O  OE2 . GLU A 1 72 ? -18.923 -3.817  1.228   1.00 39.12 ? 72  GLU A OE2 1 
ATOM   533 N  N   . ALA A 1 73 ? -13.991 -1.967  -0.639  1.00 22.22 ? 73  ALA A N   1 
ATOM   534 C  CA  . ALA A 1 73 ? -13.709 -2.674  -1.868  1.00 23.19 ? 73  ALA A CA  1 
ATOM   535 C  C   . ALA A 1 73 ? -12.225 -2.867  -2.166  1.00 22.74 ? 73  ALA A C   1 
ATOM   536 O  O   . ALA A 1 73 ? -11.800 -2.988  -3.321  1.00 22.52 ? 73  ALA A O   1 
ATOM   537 C  CB  . ALA A 1 73 ? -14.359 -1.930  -3.018  1.00 20.59 ? 73  ALA A CB  1 
ATOM   538 N  N   . GLY A 1 74 ? -11.404 -2.863  -1.118  1.00 22.03 ? 74  GLY A N   1 
ATOM   539 C  CA  . GLY A 1 74 ? -9.983  -3.132  -1.227  1.00 20.62 ? 74  GLY A CA  1 
ATOM   540 C  C   . GLY A 1 74 ? -9.023  -1.992  -1.435  1.00 21.81 ? 74  GLY A C   1 
ATOM   541 O  O   . GLY A 1 74 ? -7.834  -2.270  -1.698  1.00 21.91 ? 74  GLY A O   1 
ATOM   542 N  N   . TYR A 1 75 ? -9.399  -0.723  -1.295  1.00 25.92 ? 75  TYR A N   1 
ATOM   543 C  CA  . TYR A 1 75 ? -8.385  0.293   -1.552  1.00 28.38 ? 75  TYR A CA  1 
ATOM   544 C  C   . TYR A 1 75 ? -7.634  0.725   -0.307  1.00 27.69 ? 75  TYR A C   1 
ATOM   545 O  O   . TYR A 1 75 ? -8.157  1.034   0.783   1.00 25.49 ? 75  TYR A O   1 
ATOM   546 C  CB  . TYR A 1 75 ? -9.019  1.536   -2.295  1.00 31.85 ? 75  TYR A CB  1 
ATOM   547 C  CG  . TYR A 1 75 ? -9.244  1.274   -3.799  1.00 37.39 ? 75  TYR A CG  1 
ATOM   548 C  CD1 . TYR A 1 75 ? -8.167  0.949   -4.608  1.00 40.03 ? 75  TYR A CD1 1 
ATOM   549 C  CD2 . TYR A 1 75 ? -10.505 1.380   -4.380  1.00 42.65 ? 75  TYR A CD2 1 
ATOM   550 C  CE1 . TYR A 1 75 ? -8.331  0.741   -5.964  1.00 40.83 ? 75  TYR A CE1 1 
ATOM   551 C  CE2 . TYR A 1 75 ? -10.690 1.173   -5.736  1.00 41.50 ? 75  TYR A CE2 1 
ATOM   552 C  CZ  . TYR A 1 75 ? -9.587  0.859   -6.508  1.00 44.02 ? 75  TYR A CZ  1 
ATOM   553 O  OH  . TYR A 1 75 ? -9.722  0.671   -7.863  1.00 46.45 ? 75  TYR A OH  1 
ATOM   554 N  N   . VAL A 1 76 ? -6.330  0.632   -0.556  1.00 27.48 ? 76  VAL A N   1 
ATOM   555 C  CA  . VAL A 1 76 ? -5.282  0.970   0.386   1.00 24.62 ? 76  VAL A CA  1 
ATOM   556 C  C   . VAL A 1 76 ? -4.550  2.199   -0.153  1.00 26.41 ? 76  VAL A C   1 
ATOM   557 O  O   . VAL A 1 76 ? -4.228  2.217   -1.354  1.00 24.41 ? 76  VAL A O   1 
ATOM   558 C  CB  . VAL A 1 76 ? -4.314  -0.149  0.452   1.00 20.83 ? 76  VAL A CB  1 
ATOM   559 C  CG1 . VAL A 1 76 ? -3.363  0.208   1.571   1.00 21.10 ? 76  VAL A CG1 1 
ATOM   560 C  CG2 . VAL A 1 76 ? -4.992  -1.469  0.644   1.00 14.49 ? 76  VAL A CG2 1 
ATOM   561 N  N   . LEU A 1 77 ? -4.223  3.201   0.665   1.00 25.66 ? 77  LEU A N   1 
ATOM   562 C  CA  . LEU A 1 77 ? -3.457  4.349   0.163   1.00 29.45 ? 77  LEU A CA  1 
ATOM   563 C  C   . LEU A 1 77 ? -1.970  4.251   0.570   1.00 30.42 ? 77  LEU A C   1 
ATOM   564 O  O   . LEU A 1 77 ? -1.291  5.265   0.844   1.00 32.66 ? 77  LEU A O   1 
ATOM   565 C  CB  . LEU A 1 77 ? -4.008  5.707   0.691   1.00 28.63 ? 77  LEU A CB  1 
ATOM   566 C  CG  . LEU A 1 77 ? -5.264  6.430   0.213   1.00 27.57 ? 77  LEU A CG  1 
ATOM   567 C  CD1 . LEU A 1 77 ? -5.237  7.892   0.596   1.00 25.12 ? 77  LEU A CD1 1 
ATOM   568 C  CD2 . LEU A 1 77 ? -5.331  6.369   -1.282  1.00 28.65 ? 77  LEU A CD2 1 
ATOM   569 N  N   . THR A 1 78 ? -1.435  3.023   0.437   1.00 31.40 ? 78  THR A N   1 
ATOM   570 C  CA  . THR A 1 78 ? -0.109  2.555   0.835   1.00 29.18 ? 78  THR A CA  1 
ATOM   571 C  C   . THR A 1 78 ? 0.726   3.507   1.638   1.00 30.29 ? 78  THR A C   1 
ATOM   572 O  O   . THR A 1 78 ? 1.043   3.197   2.777   1.00 32.09 ? 78  THR A O   1 
ATOM   573 C  CB  . THR A 1 78 ? 0.820   2.105   -0.346  1.00 27.36 ? 78  THR A CB  1 
ATOM   574 O  OG1 . THR A 1 78 ? 0.999   3.241   -1.170  1.00 28.37 ? 78  THR A OG1 1 
ATOM   575 C  CG2 . THR A 1 78 ? 0.282   0.907   -1.138  1.00 22.79 ? 78  THR A CG2 1 
ATOM   576 N  N   . CYS A 1 79 ? 1.060   4.689   1.128   1.00 33.00 ? 79  CYS A N   1 
ATOM   577 C  CA  . CYS A 1 79 ? 1.918   5.636   1.829   1.00 33.84 ? 79  CYS A CA  1 
ATOM   578 C  C   . CYS A 1 79 ? 1.711   5.779   3.324   1.00 35.11 ? 79  CYS A C   1 
ATOM   579 O  O   . CYS A 1 79 ? 2.687   5.953   4.055   1.00 36.22 ? 79  CYS A O   1 
ATOM   580 C  CB  . CYS A 1 79 ? 1.829   7.040   1.210   1.00 30.25 ? 79  CYS A CB  1 
ATOM   581 S  SG  . CYS A 1 79 ? 0.377   8.078   1.447   1.00 32.35 ? 79  CYS A SG  1 
ATOM   582 N  N   . VAL A 1 80 ? 0.500   5.671   3.824   1.00 34.13 ? 80  VAL A N   1 
ATOM   583 C  CA  . VAL A 1 80 ? 0.437   5.831   5.240   1.00 34.97 ? 80  VAL A CA  1 
ATOM   584 C  C   . VAL A 1 80 ? -0.150  4.607   5.849   1.00 35.38 ? 80  VAL A C   1 
ATOM   585 O  O   . VAL A 1 80 ? -0.757  4.673   6.910   1.00 36.83 ? 80  VAL A O   1 
ATOM   586 C  CB  . VAL A 1 80 ? -0.387  7.057   5.622   1.00 37.05 ? 80  VAL A CB  1 
ATOM   587 C  CG1 . VAL A 1 80 ? 0.348   8.283   5.097   1.00 38.56 ? 80  VAL A CG1 1 
ATOM   588 C  CG2 . VAL A 1 80 ? -1.817  6.933   5.118   1.00 37.35 ? 80  VAL A CG2 1 
ATOM   589 N  N   . ALA A 1 81 ? 0.154   3.465   5.261   1.00 35.24 ? 81  ALA A N   1 
ATOM   590 C  CA  . ALA A 1 81 ? -0.387  2.237   5.787   1.00 33.37 ? 81  ALA A CA  1 
ATOM   591 C  C   . ALA A 1 81 ? 0.644   1.451   6.564   1.00 32.01 ? 81  ALA A C   1 
ATOM   592 O  O   . ALA A 1 81 ? 1.816   1.391   6.165   1.00 29.65 ? 81  ALA A O   1 
ATOM   593 C  CB  . ALA A 1 81 ? -0.872  1.354   4.686   1.00 36.01 ? 81  ALA A CB  1 
ATOM   594 N  N   . TYR A 1 82 ? 0.175   0.876   7.681   1.00 30.37 ? 82  TYR A N   1 
ATOM   595 C  CA  . TYR A 1 82 ? 0.974   0.021   8.555   1.00 28.06 ? 82  TYR A CA  1 
ATOM   596 C  C   . TYR A 1 82 ? 0.400   -1.355  8.309   1.00 22.27 ? 82  TYR A C   1 
ATOM   597 O  O   . TYR A 1 82 ? -0.809  -1.501  8.319   1.00 17.12 ? 82  TYR A O   1 
ATOM   598 C  CB  . TYR A 1 82 ? 0.806   0.308   10.081  1.00 29.41 ? 82  TYR A CB  1 
ATOM   599 C  CG  . TYR A 1 82 ? 1.396   1.634   10.578  1.00 30.59 ? 82  TYR A CG  1 
ATOM   600 C  CD1 . TYR A 1 82 ? 2.745   1.811   10.723  1.00 29.52 ? 82  TYR A CD1 1 
ATOM   601 C  CD2 . TYR A 1 82 ? 0.561   2.683   10.873  1.00 29.14 ? 82  TYR A CD2 1 
ATOM   602 C  CE1 . TYR A 1 82 ? 3.223   3.030   11.155  1.00 30.53 ? 82  TYR A CE1 1 
ATOM   603 C  CE2 . TYR A 1 82 ? 1.041   3.893   11.301  1.00 27.42 ? 82  TYR A CE2 1 
ATOM   604 C  CZ  . TYR A 1 82 ? 2.380   4.069   11.438  1.00 28.61 ? 82  TYR A CZ  1 
ATOM   605 O  OH  . TYR A 1 82 ? 2.864   5.310   11.795  1.00 27.46 ? 82  TYR A OH  1 
ATOM   606 N  N   . PRO A 1 83 ? 1.181   -2.352  7.977   1.00 22.55 ? 83  PRO A N   1 
ATOM   607 C  CA  . PRO A 1 83 ? 0.751   -3.760  7.885   1.00 26.19 ? 83  PRO A CA  1 
ATOM   608 C  C   . PRO A 1 83 ? 0.152   -4.322  9.186   1.00 25.60 ? 83  PRO A C   1 
ATOM   609 O  O   . PRO A 1 83 ? 0.600   -3.919  10.269  1.00 27.69 ? 83  PRO A O   1 
ATOM   610 C  CB  . PRO A 1 83 ? 2.000   -4.471  7.466   1.00 24.86 ? 83  PRO A CB  1 
ATOM   611 C  CG  . PRO A 1 83 ? 3.061   -3.510  7.980   1.00 22.94 ? 83  PRO A CG  1 
ATOM   612 C  CD  . PRO A 1 83 ? 2.551   -2.174  7.553   1.00 19.98 ? 83  PRO A CD  1 
ATOM   613 N  N   . THR A 1 84 ? -0.854  -5.196  9.196   1.00 23.90 ? 84  THR A N   1 
ATOM   614 C  CA  . THR A 1 84 ? -1.389  -5.686  10.478  1.00 27.66 ? 84  THR A CA  1 
ATOM   615 C  C   . THR A 1 84 ? -1.214  -7.190  10.705  1.00 27.69 ? 84  THR A C   1 
ATOM   616 O  O   . THR A 1 84 ? -1.314  -7.730  11.827  1.00 25.72 ? 84  THR A O   1 
ATOM   617 C  CB  . THR A 1 84 ? -2.860  -5.303  10.576  1.00 27.36 ? 84  THR A CB  1 
ATOM   618 O  OG1 . THR A 1 84 ? -2.917  -3.976  10.064  1.00 30.52 ? 84  THR A OG1 1 
ATOM   619 C  CG2 . THR A 1 84 ? -3.433  -5.352  11.998  1.00 27.68 ? 84  THR A CG2 1 
ATOM   620 N  N   . SER A 1 85 ? -0.863  -7.798  9.584   1.00 27.09 ? 85  SER A N   1 
ATOM   621 C  CA  . SER A 1 85 ? -0.530  -9.177  9.461   1.00 30.33 ? 85  SER A CA  1 
ATOM   622 C  C   . SER A 1 85 ? 0.352   -9.100  8.210   1.00 34.63 ? 85  SER A C   1 
ATOM   623 O  O   . SER A 1 85 ? 0.899   -8.043  7.819   1.00 35.19 ? 85  SER A O   1 
ATOM   624 C  CB  . SER A 1 85 ? -1.746  -9.973  9.171   1.00 30.65 ? 85  SER A CB  1 
ATOM   625 O  OG  . SER A 1 85 ? -2.205  -9.535  7.889   1.00 38.07 ? 85  SER A OG  1 
ATOM   626 N  N   . ASP A 1 86 ? 0.518   -10.265 7.581   1.00 34.72 ? 86  ASP A N   1 
ATOM   627 C  CA  . ASP A 1 86 ? 1.256   -10.341 6.333   1.00 34.09 ? 86  ASP A CA  1 
ATOM   628 C  C   . ASP A 1 86 ? 0.181   -9.963  5.321   1.00 33.40 ? 86  ASP A C   1 
ATOM   629 O  O   . ASP A 1 86 ? -1.035  -10.135 5.589   1.00 32.99 ? 86  ASP A O   1 
ATOM   630 C  CB  . ASP A 1 86 ? 1.749   -11.763 6.098   1.00 29.65 ? 86  ASP A CB  1 
ATOM   631 C  CG  . ASP A 1 86 ? 2.592   -12.342 7.223   1.00 26.53 ? 86  ASP A CG  1 
ATOM   632 O  OD1 . ASP A 1 86 ? 2.842   -11.649 8.208   1.00 31.76 ? 86  ASP A OD1 1 
ATOM   633 O  OD2 . ASP A 1 86 ? 2.986   -13.507 7.124   1.00 22.50 ? 86  ASP A OD2 1 
ATOM   634 N  N   . CYS A 1 87 ? 0.620   -9.439  4.186   1.00 30.79 ? 87  CYS A N   1 
ATOM   635 C  CA  . CYS A 1 87 ? -0.351  -9.053  3.180   1.00 31.57 ? 87  CYS A CA  1 
ATOM   636 C  C   . CYS A 1 87 ? 0.309   -8.860  1.808   1.00 27.13 ? 87  CYS A C   1 
ATOM   637 O  O   . CYS A 1 87 ? 1.501   -8.542  1.731   1.00 24.69 ? 87  CYS A O   1 
ATOM   638 C  CB  . CYS A 1 87 ? -1.042  -7.786  3.702   1.00 29.28 ? 87  CYS A CB  1 
ATOM   639 S  SG  . CYS A 1 87 ? 0.147   -6.448  3.860   1.00 30.41 ? 87  CYS A SG  1 
ATOM   640 N  N   . THR A 1 88 ? -0.423  -9.199  0.742   1.00 26.47 ? 88  THR A N   1 
ATOM   641 C  CA  . THR A 1 88 ? 0.051   -9.036  -0.620  1.00 26.01 ? 88  THR A CA  1 
ATOM   642 C  C   . THR A 1 88 ? -0.873  -7.950  -1.154  1.00 25.09 ? 88  THR A C   1 
ATOM   643 O  O   . THR A 1 88 ? -2.104  -7.908  -0.923  1.00 20.71 ? 88  THR A O   1 
ATOM   644 C  CB  . THR A 1 88 ? -0.031  -10.413 -1.398  1.00 25.89 ? 88  THR A CB  1 
ATOM   645 O  OG1 . THR A 1 88 ? 1.305   -10.561 -1.894  1.00 22.10 ? 88  THR A OG1 1 
ATOM   646 C  CG2 . THR A 1 88 ? -0.964  -10.536 -2.609  1.00 25.44 ? 88  THR A CG2 1 
ATOM   647 N  N   . ILE A 1 89 ? -0.124  -7.013  -1.736  1.00 24.83 ? 89  ILE A N   1 
ATOM   648 C  CA  . ILE A 1 89 ? -0.640  -5.774  -2.301  1.00 24.21 ? 89  ILE A CA  1 
ATOM   649 C  C   . ILE A 1 89 ? -0.396  -5.697  -3.798  1.00 19.11 ? 89  ILE A C   1 
ATOM   650 O  O   . ILE A 1 89 ? 0.574   -6.234  -4.274  1.00 16.62 ? 89  ILE A O   1 
ATOM   651 C  CB  . ILE A 1 89 ? 0.075   -4.673  -1.507  1.00 24.26 ? 89  ILE A CB  1 
ATOM   652 C  CG1 . ILE A 1 89 ? -0.685  -4.467  -0.234  1.00 25.82 ? 89  ILE A CG1 1 
ATOM   653 C  CG2 . ILE A 1 89 ? 0.210   -3.390  -2.307  1.00 28.07 ? 89  ILE A CG2 1 
ATOM   654 C  CD1 . ILE A 1 89 ? -0.193  -3.267  0.592   1.00 29.45 ? 89  ILE A CD1 1 
ATOM   655 N  N   . LYS A 1 90 ? -1.229  -5.040  -4.564  1.00 21.75 ? 90  LYS A N   1 
ATOM   656 C  CA  . LYS A 1 90 ? -1.066  -4.858  -6.003  1.00 22.63 ? 90  LYS A CA  1 
ATOM   657 C  C   . LYS A 1 90 ? -0.634  -3.392  -5.969  1.00 22.37 ? 90  LYS A C   1 
ATOM   658 O  O   . LYS A 1 90 ? -1.425  -2.517  -5.596  1.00 16.93 ? 90  LYS A O   1 
ATOM   659 C  CB  . LYS A 1 90 ? -2.403  -4.964  -6.771  1.00 28.07 ? 90  LYS A CB  1 
ATOM   660 C  CG  . LYS A 1 90 ? -3.426  -6.046  -6.376  1.00 29.03 ? 90  LYS A CG  1 
ATOM   661 C  CD  . LYS A 1 90 ? -4.829  -5.661  -6.854  1.00 28.85 ? 90  LYS A CD  1 
ATOM   662 C  CE  . LYS A 1 90 ? -5.271  -6.444  -8.075  1.00 30.21 ? 90  LYS A CE  1 
ATOM   663 N  NZ  . LYS A 1 90 ? -5.217  -7.863  -7.762  1.00 31.23 ? 90  LYS A NZ  1 
ATOM   664 N  N   . THR A 1 91 ? 0.537   -3.041  -6.446  1.00 23.77 ? 91  THR A N   1 
ATOM   665 C  CA  . THR A 1 91 ? 1.053   -1.706  -6.264  1.00 23.89 ? 91  THR A CA  1 
ATOM   666 C  C   . THR A 1 91 ? 0.500   -0.440  -6.875  1.00 29.70 ? 91  THR A C   1 
ATOM   667 O  O   . THR A 1 91 ? 0.601   0.600   -6.200  1.00 36.80 ? 91  THR A O   1 
ATOM   668 C  CB  . THR A 1 91 ? 2.565   -1.772  -6.572  1.00 20.60 ? 91  THR A CB  1 
ATOM   669 O  OG1 . THR A 1 91 ? 2.768   -2.375  -7.820  1.00 18.89 ? 91  THR A OG1 1 
ATOM   670 C  CG2 . THR A 1 91 ? 3.294   -2.702  -5.661  1.00 21.47 ? 91  THR A CG2 1 
ATOM   671 N  N   . HIS A 1 92 ? -0.097  -0.403  -8.066  1.00 28.52 ? 92  HIS A N   1 
ATOM   672 C  CA  . HIS A 1 92 ? -0.468  0.889   -8.620  1.00 30.13 ? 92  HIS A CA  1 
ATOM   673 C  C   . HIS A 1 92 ? -1.963  1.088   -8.889  1.00 34.94 ? 92  HIS A C   1 
ATOM   674 O  O   . HIS A 1 92 ? -2.252  1.351   -10.054 1.00 38.52 ? 92  HIS A O   1 
ATOM   675 C  CB  . HIS A 1 92 ? 0.304   1.026   -9.892  1.00 24.27 ? 92  HIS A CB  1 
ATOM   676 C  CG  . HIS A 1 92 ? 1.812   1.131   -9.905  1.00 25.60 ? 92  HIS A CG  1 
ATOM   677 N  ND1 . HIS A 1 92 ? 2.526   2.150   -10.549 1.00 25.31 ? 92  HIS A ND1 1 
ATOM   678 C  CD2 . HIS A 1 92 ? 2.660   0.243   -9.273  1.00 18.07 ? 92  HIS A CD2 1 
ATOM   679 C  CE1 . HIS A 1 92 ? 3.811   1.878   -10.291 1.00 24.35 ? 92  HIS A CE1 1 
ATOM   680 N  NE2 . HIS A 1 92 ? 3.900   0.803   -9.557  1.00 25.99 ? 92  HIS A NE2 1 
ATOM   681 N  N   . GLN A 1 93 ? -3.034  1.121   -8.072  1.00 34.85 ? 93  GLN A N   1 
ATOM   682 C  CA  . GLN A 1 93 ? -4.367  1.175   -8.674  1.00 32.98 ? 93  GLN A CA  1 
ATOM   683 C  C   . GLN A 1 93 ? -5.065  2.489   -8.992  1.00 33.42 ? 93  GLN A C   1 
ATOM   684 O  O   . GLN A 1 93 ? -6.258  2.519   -9.283  1.00 35.31 ? 93  GLN A O   1 
ATOM   685 C  CB  . GLN A 1 93 ? -5.267  0.306   -7.821  1.00 33.78 ? 93  GLN A CB  1 
ATOM   686 C  CG  . GLN A 1 93 ? -4.720  -1.133  -7.635  1.00 35.56 ? 93  GLN A CG  1 
ATOM   687 C  CD  . GLN A 1 93 ? -4.110  -1.836  -8.860  1.00 33.84 ? 93  GLN A CD  1 
ATOM   688 O  OE1 . GLN A 1 93 ? -4.742  -2.019  -9.898  1.00 33.93 ? 93  GLN A OE1 1 
ATOM   689 N  NE2 . GLN A 1 93 ? -2.858  -2.293  -8.781  1.00 31.97 ? 93  GLN A NE2 1 
ATOM   690 N  N   . GLU A 1 94 ? -4.383  3.622   -9.063  1.00 32.60 ? 94  GLU A N   1 
ATOM   691 C  CA  . GLU A 1 94 ? -5.067  4.872   -9.370  1.00 31.49 ? 94  GLU A CA  1 
ATOM   692 C  C   . GLU A 1 94 ? -5.783  4.893   -10.727 1.00 28.53 ? 94  GLU A C   1 
ATOM   693 O  O   . GLU A 1 94 ? -6.869  5.469   -10.742 1.00 32.47 ? 94  GLU A O   1 
ATOM   694 C  CB  . GLU A 1 94 ? -4.053  6.079   -9.259  1.00 31.71 ? 94  GLU A CB  1 
ATOM   695 C  CG  . GLU A 1 94 ? -4.546  7.474   -9.738  1.00 32.00 ? 94  GLU A CG  1 
ATOM   696 C  CD  . GLU A 1 94 ? -3.806  8.739   -9.278  1.00 35.20 ? 94  GLU A CD  1 
ATOM   697 O  OE1 . GLU A 1 94 ? -4.159  9.256   -8.223  1.00 33.76 ? 94  GLU A OE1 1 
ATOM   698 O  OE2 . GLU A 1 94 ? -2.926  9.249   -9.978  1.00 35.36 ? 94  GLU A OE2 1 
ATOM   699 N  N   . GLU A 1 95 ? -5.415  4.293   -11.858 1.00 27.97 ? 95  GLU A N   1 
ATOM   700 C  CA  . GLU A 1 95 ? -6.216  4.495   -13.067 1.00 26.25 ? 95  GLU A CA  1 
ATOM   701 C  C   . GLU A 1 95 ? -7.615  3.973   -12.854 1.00 27.36 ? 95  GLU A C   1 
ATOM   702 O  O   . GLU A 1 95 ? -8.612  4.593   -13.233 1.00 28.99 ? 95  GLU A O   1 
ATOM   703 C  CB  . GLU A 1 95 ? -5.605  3.792   -14.243 1.00 26.33 ? 95  GLU A CB  1 
ATOM   704 C  CG  . GLU A 1 95 ? -5.103  4.803   -15.278 1.00 37.68 ? 95  GLU A CG  1 
ATOM   705 C  CD  . GLU A 1 95 ? -6.052  5.221   -16.435 1.00 43.09 ? 95  GLU A CD  1 
ATOM   706 O  OE1 . GLU A 1 95 ? -7.042  5.931   -16.223 1.00 40.29 ? 95  GLU A OE1 1 
ATOM   707 O  OE2 . GLU A 1 95 ? -5.789  4.837   -17.578 1.00 47.92 ? 95  GLU A OE2 1 
ATOM   708 N  N   . GLY A 1 96 ? -7.691  2.886   -12.095 1.00 27.15 ? 96  GLY A N   1 
ATOM   709 C  CA  . GLY A 1 96 ? -8.968  2.283   -11.818 1.00 25.96 ? 96  GLY A CA  1 
ATOM   710 C  C   . GLY A 1 96 ? -9.710  2.901   -10.650 1.00 28.75 ? 96  GLY A C   1 
ATOM   711 O  O   . GLY A 1 96 ? -10.911 2.637   -10.565 1.00 31.94 ? 96  GLY A O   1 
ATOM   712 N  N   . LEU A 1 97 ? -9.138  3.724   -9.765  1.00 29.57 ? 97  LEU A N   1 
ATOM   713 C  CA  . LEU A 1 97 ? -9.818  4.251   -8.584  1.00 34.17 ? 97  LEU A CA  1 
ATOM   714 C  C   . LEU A 1 97 ? -11.337 4.541   -8.411  1.00 39.92 ? 97  LEU A C   1 
ATOM   715 O  O   . LEU A 1 97 ? -11.926 4.065   -7.401  1.00 41.13 ? 97  LEU A O   1 
ATOM   716 C  CB  . LEU A 1 97 ? -9.139  5.502   -8.169  1.00 28.76 ? 97  LEU A CB  1 
ATOM   717 C  CG  . LEU A 1 97 ? -8.107  5.503   -7.079  1.00 27.80 ? 97  LEU A CG  1 
ATOM   718 C  CD1 . LEU A 1 97 ? -8.122  6.937   -6.736  1.00 29.53 ? 97  LEU A CD1 1 
ATOM   719 C  CD2 . LEU A 1 97 ? -8.409  4.801   -5.767  1.00 27.00 ? 97  LEU A CD2 1 
ATOM   720 N  N   . TYR A 1 98 ? -12.022 5.337   -9.274  1.00 40.03 ? 98  TYR A N   1 
ATOM   721 C  CA  . TYR A 1 98 ? -13.451 5.642   -9.180  1.00 36.60 ? 98  TYR A CA  1 
ATOM   722 C  C   . TYR A 1 98 ? -13.858 6.395   -10.432 1.00 36.88 ? 98  TYR A C   1 
ATOM   723 O  O   . TYR A 1 98 ? -13.800 5.752   -11.482 1.00 39.13 ? 98  TYR A O   1 
ATOM   724 C  CB  . TYR A 1 98 ? -13.827 6.464   -7.870  1.00 34.95 ? 98  TYR A CB  1 
ATOM   725 C  CG  . TYR A 1 98 ? -13.190 7.737   -7.314  1.00 32.65 ? 98  TYR A CG  1 
ATOM   726 C  CD1 . TYR A 1 98 ? -12.617 8.725   -8.081  1.00 33.97 ? 98  TYR A CD1 1 
ATOM   727 C  CD2 . TYR A 1 98 ? -13.233 7.906   -5.949  1.00 35.33 ? 98  TYR A CD2 1 
ATOM   728 C  CE1 . TYR A 1 98 ? -12.113 9.862   -7.479  1.00 35.34 ? 98  TYR A CE1 1 
ATOM   729 C  CE2 . TYR A 1 98 ? -12.728 9.039   -5.332  1.00 35.62 ? 98  TYR A CE2 1 
ATOM   730 C  CZ  . TYR A 1 98 ? -12.174 10.029  -6.106  1.00 37.46 ? 98  TYR A CZ  1 
ATOM   731 O  OH  . TYR A 1 98 ? -11.778 11.240  -5.534  1.00 40.40 ? 98  TYR A OH  1 
ATOM   732 O  OXT . TYR A 1 98 ? -14.207 7.577   -10.391 1.00 40.07 ? 98  TYR A OXT 1 
HETATM 733 FE FE1 . FES B 2 .  ? -1.131  10.932  -1.450  1.00 36.75 ? 99  FES A FE1 1 
HETATM 734 FE FE2 . FES B 2 .  ? -0.492  8.516   -0.606  1.00 26.76 ? 99  FES A FE2 1 
HETATM 735 S  S1  . FES B 2 .  ? 0.759   9.925   -1.807  1.00 34.44 ? 99  FES A S1  1 
HETATM 736 S  S2  . FES B 2 .  ? -2.240  9.728   0.012   1.00 33.73 ? 99  FES A S2  1 
HETATM 737 O  O   . HOH C 3 .  ? -0.390  -10.380 12.582  1.00 34.30 ? 100 HOH A O   1 
HETATM 738 O  O   . HOH C 3 .  ? -13.085 1.568   -8.461  1.00 35.84 ? 101 HOH A O   1 
HETATM 739 O  O   . HOH C 3 .  ? 5.906   -9.960  -13.325 1.00 27.77 ? 102 HOH A O   1 
HETATM 740 O  O   . HOH C 3 .  ? 12.773  -3.591  -8.361  1.00 15.46 ? 103 HOH A O   1 
HETATM 741 O  O   . HOH C 3 .  ? 10.888  0.720   10.040  1.00 26.36 ? 104 HOH A O   1 
HETATM 742 O  O   . HOH C 3 .  ? 14.036  5.143   1.888   1.00 28.81 ? 105 HOH A O   1 
HETATM 743 O  O   . HOH C 3 .  ? -2.459  0.908   -15.257 1.00 44.16 ? 106 HOH A O   1 
HETATM 744 O  O   . HOH C 3 .  ? 15.162  -0.452  6.680   1.00 53.19 ? 107 HOH A O   1 
HETATM 745 O  O   . HOH C 3 .  ? 17.435  2.397   2.478   1.00 53.11 ? 108 HOH A O   1 
HETATM 746 O  O   . HOH C 3 .  ? 10.763  -0.620  -9.449  1.00 37.97 ? 109 HOH A O   1 
HETATM 747 O  O   . HOH C 3 .  ? 3.032   14.619  3.747   1.00 36.37 ? 110 HOH A O   1 
HETATM 748 O  O   . HOH C 3 .  ? -8.658  -8.239  1.201   1.00 47.44 ? 111 HOH A O   1 
HETATM 749 O  O   . HOH C 3 .  ? 0.684   4.108   -11.375 1.00 37.73 ? 112 HOH A O   1 
HETATM 750 O  O   . HOH C 3 .  ? 10.584  5.158   -11.113 1.00 25.98 ? 114 HOH A O   1 
HETATM 751 O  O   . HOH C 3 .  ? 9.634   5.100   -13.923 1.00 32.29 ? 115 HOH A O   1 
HETATM 752 O  O   . HOH C 3 .  ? 2.828   3.540   -4.390  1.00 18.22 ? 116 HOH A O   1 
HETATM 753 O  O   . HOH C 3 .  ? 4.932   -14.413 -0.493  1.00 41.08 ? 117 HOH A O   1 
HETATM 754 O  O   . HOH C 3 .  ? 3.324   12.628  -7.492  1.00 54.12 ? 118 HOH A O   1 
HETATM 755 O  O   . HOH C 3 .  ? -8.064  10.530  -7.859  1.00 41.48 ? 119 HOH A O   1 
HETATM 756 O  O   . HOH C 3 .  ? -5.937  -10.436 13.161  1.00 27.14 ? 120 HOH A O   1 
HETATM 757 O  O   . HOH C 3 .  ? -6.233  -8.143  11.776  1.00 36.07 ? 121 HOH A O   1 
HETATM 758 O  O   . HOH C 3 .  ? -8.437  -2.753  8.890   1.00 28.16 ? 123 HOH A O   1 
HETATM 759 O  O   . HOH C 3 .  ? -9.205  -1.112  5.978   1.00 30.04 ? 124 HOH A O   1 
HETATM 760 O  O   . HOH C 3 .  ? -6.458  2.729   15.220  1.00 34.58 ? 125 HOH A O   1 
HETATM 761 O  O   . HOH C 3 .  ? -7.579  -12.200 3.818   1.00 30.98 ? 126 HOH A O   1 
HETATM 762 O  O   . HOH C 3 .  ? -12.553 11.269  -2.021  1.00 45.69 ? 127 HOH A O   1 
HETATM 763 O  O   . HOH C 3 .  ? -9.830  -1.803  -4.467  1.00 12.46 ? 128 HOH A O   1 
HETATM 764 O  O   . HOH C 3 .  ? -19.696 -0.521  1.041   1.00 23.63 ? 129 HOH A O   1 
HETATM 765 O  O   . HOH C 3 .  ? 11.200  8.643   -8.464  1.00 22.03 ? 130 HOH A O   1 
HETATM 766 O  O   . HOH C 3 .  ? -14.690 3.664   -6.169  1.00 20.10 ? 131 HOH A O   1 
HETATM 767 O  O   . HOH C 3 .  ? 5.207   6.919   3.427   1.00 24.80 ? 133 HOH A O   1 
HETATM 768 O  O   . HOH C 3 .  ? -5.412  1.032   -12.171 1.00 20.17 ? 135 HOH A O   1 
HETATM 769 O  O   . HOH C 3 .  ? -2.718  3.702   -16.726 1.00 37.34 ? 136 HOH A O   1 
HETATM 770 O  O   . HOH C 3 .  ? 7.486   -12.044 -5.164  1.00 22.63 ? 138 HOH A O   1 
HETATM 771 O  O   . HOH C 3 .  ? 12.139  -12.494 8.364   1.00 32.33 ? 139 HOH A O   1 
HETATM 772 O  O   . HOH C 3 .  ? 6.340   -14.340 2.998   1.00 32.89 ? 142 HOH A O   1 
HETATM 773 O  O   . HOH C 3 .  ? 9.451   9.146   3.944   1.00 47.16 ? 143 HOH A O   1 
HETATM 774 O  O   . HOH C 3 .  ? 16.425  2.413   -7.741  1.00 50.39 ? 144 HOH A O   1 
HETATM 775 O  O   . HOH C 3 .  ? -1.218  12.539  7.211   1.00 29.96 ? 146 HOH A O   1 
HETATM 776 O  O   . HOH C 3 .  ? 11.925  9.545   5.320   1.00 35.48 ? 147 HOH A O   1 
HETATM 777 O  O   . HOH C 3 .  ? 6.384   5.325   9.329   1.00 18.34 ? 148 HOH A O   1 
HETATM 778 O  O   . HOH C 3 .  ? 15.625  3.400   -4.673  1.00 40.91 ? 149 HOH A O   1 
# 
